data_1IG0
#
_entry.id   1IG0
#
_cell.length_a   118.313
_cell.length_b   130.839
_cell.length_c   44.319
_cell.angle_alpha   90.00
_cell.angle_beta   90.00
_cell.angle_gamma   90.00
#
_symmetry.space_group_name_H-M   'P 21 21 2'
#
loop_
_entity.id
_entity.type
_entity.pdbx_description
1 polymer 'Thiamin pyrophosphokinase'
2 non-polymer 3-(4-AMINO-2-METHYL-PYRIMIDIN-5-YLMETHYL)-5-(2-HYDROXY-ETHYL)-4-METHYL-THIAZOL-3-IUM
3 water water
#
_entity_poly.entity_id   1
_entity_poly.type   'polypeptide(L)'
_entity_poly.pdbx_seq_one_letter_code
;MSEECIENPERIKIGTDLINIRNKMNLKELIHPNEDENSTLLILNQKIDIPRPLFYKIWKLHDLKVCADGAANRLYDYLD
DDETLRIKYLPNYIIGDLDSLSEKVYKYYRKNKVTIIKQTTQYSTDFTKCVNLISLHFNSPEFRSLISNKDNLQSNHGIE
LEKGIHTLYNTMTESLVFSKVTPISLLALGGIGGRFDQTVHSITQLYTLSENASYFKLCYMTPTDLIFLIKKNGTLIEYD
PQFRNTCIGNCGLLPIGEATLVKETRGLKWDVKNWPTSVVTGRVSSSNRFVGDNCCFIDTKDDIILNVEIFVDKLIDFL
;
_entity_poly.pdbx_strand_id   A,B
#
loop_
_chem_comp.id
_chem_comp.type
_chem_comp.name
_chem_comp.formula
VIB non-polymer 3-(4-AMINO-2-METHYL-PYRIMIDIN-5-YLMETHYL)-5-(2-HYDROXY-ETHYL)-4-METHYL-THIAZOL-3-IUM 'C12 H17 N4 O S 1'
#
# COMPACT_ATOMS: atom_id res chain seq x y z
N GLU A 3 17.05 -9.63 -22.55
CA GLU A 3 15.82 -9.57 -21.70
C GLU A 3 14.84 -10.66 -22.10
N GLU A 4 14.38 -11.43 -21.12
CA GLU A 4 13.44 -12.50 -21.40
C GLU A 4 12.48 -12.83 -20.25
N CYS A 5 11.38 -13.48 -20.61
CA CYS A 5 10.36 -13.89 -19.66
C CYS A 5 9.79 -15.20 -20.17
N ILE A 6 9.73 -16.21 -19.31
CA ILE A 6 9.20 -17.51 -19.70
C ILE A 6 8.15 -18.03 -18.73
N GLU A 7 7.11 -18.65 -19.27
CA GLU A 7 6.06 -19.21 -18.43
C GLU A 7 6.40 -20.67 -18.20
N ASN A 8 6.68 -21.01 -16.95
CA ASN A 8 7.06 -22.37 -16.56
C ASN A 8 5.91 -23.31 -16.24
N PRO A 9 6.23 -24.61 -16.09
CA PRO A 9 5.21 -25.61 -15.76
C PRO A 9 4.75 -25.25 -14.35
N GLU A 10 3.60 -25.77 -13.93
CA GLU A 10 3.09 -25.43 -12.61
C GLU A 10 4.00 -25.85 -11.46
N ARG A 11 4.78 -26.90 -11.66
CA ARG A 11 5.69 -27.37 -10.63
C ARG A 11 6.98 -27.90 -11.21
N ILE A 12 8.10 -27.45 -10.66
CA ILE A 12 9.41 -27.87 -11.12
C ILE A 12 10.39 -27.91 -9.96
N LYS A 13 11.56 -28.47 -10.22
CA LYS A 13 12.64 -28.53 -9.25
C LYS A 13 13.77 -27.76 -9.93
N ILE A 14 13.99 -26.53 -9.49
CA ILE A 14 15.02 -25.69 -10.10
C ILE A 14 16.42 -26.28 -9.99
N GLY A 15 17.23 -26.01 -11.01
CA GLY A 15 18.60 -26.48 -11.01
C GLY A 15 19.43 -25.41 -10.33
N THR A 16 20.65 -25.76 -9.94
CA THR A 16 21.52 -24.80 -9.28
C THR A 16 22.70 -24.45 -10.16
N ASP A 17 22.76 -25.04 -11.34
CA ASP A 17 23.85 -24.78 -12.27
C ASP A 17 23.75 -23.37 -12.82
N LEU A 18 24.90 -22.70 -12.90
CA LEU A 18 24.99 -21.34 -13.42
C LEU A 18 24.42 -20.24 -12.54
N ILE A 19 24.18 -20.52 -11.27
CA ILE A 19 23.66 -19.50 -10.37
C ILE A 19 24.48 -19.38 -9.08
N ASN A 20 24.63 -18.14 -8.63
CA ASN A 20 25.39 -17.85 -7.43
C ASN A 20 24.44 -17.55 -6.28
N ILE A 21 24.30 -18.49 -5.35
CA ILE A 21 23.41 -18.31 -4.21
C ILE A 21 24.20 -17.65 -3.08
N ARG A 22 24.03 -16.33 -2.95
CA ARG A 22 24.72 -15.55 -1.93
C ARG A 22 23.98 -15.52 -0.60
N ASN A 23 22.65 -15.58 -0.65
CA ASN A 23 21.84 -15.55 0.56
C ASN A 23 20.70 -16.56 0.52
N LYS A 24 20.40 -17.14 1.67
CA LYS A 24 19.33 -18.10 1.79
C LYS A 24 18.39 -17.69 2.91
N MET A 25 17.09 -17.85 2.68
CA MET A 25 16.11 -17.49 3.68
C MET A 25 14.91 -18.43 3.60
N ASN A 26 14.34 -18.72 4.77
CA ASN A 26 13.19 -19.62 4.86
C ASN A 26 11.95 -18.82 5.24
N LEU A 27 10.89 -18.96 4.44
CA LEU A 27 9.65 -18.24 4.69
C LEU A 27 9.10 -18.43 6.09
N LYS A 28 9.07 -19.68 6.55
CA LYS A 28 8.56 -19.99 7.88
C LYS A 28 9.27 -19.20 8.96
N GLU A 29 10.58 -19.03 8.82
CA GLU A 29 11.38 -18.30 9.81
C GLU A 29 10.98 -16.83 9.92
N LEU A 30 10.21 -16.34 8.95
CA LEU A 30 9.76 -14.95 8.98
C LEU A 30 8.75 -14.80 10.12
N ILE A 31 8.05 -15.90 10.41
CA ILE A 31 7.04 -15.93 11.46
C ILE A 31 7.53 -16.64 12.72
N HIS A 32 8.23 -17.76 12.53
CA HIS A 32 8.75 -18.54 13.66
C HIS A 32 10.24 -18.25 13.86
N PRO A 33 10.57 -17.36 14.81
CA PRO A 33 11.94 -16.97 15.13
C PRO A 33 12.90 -18.13 15.39
N ASN A 34 14.15 -17.92 14.99
CA ASN A 34 15.24 -18.89 15.16
C ASN A 34 15.52 -19.07 16.65
N GLU A 35 15.92 -20.28 17.03
CA GLU A 35 16.22 -20.63 18.42
C GLU A 35 16.85 -19.52 19.25
N ASP A 36 18.07 -19.12 18.90
CA ASP A 36 18.77 -18.12 19.68
C ASP A 36 18.99 -16.72 19.13
N GLU A 37 18.01 -16.22 18.41
CA GLU A 37 18.10 -14.86 17.90
C GLU A 37 17.01 -14.17 18.71
N ASN A 38 17.12 -12.87 18.92
CA ASN A 38 16.07 -12.19 19.68
C ASN A 38 14.83 -12.09 18.79
N SER A 39 13.69 -11.81 19.40
CA SER A 39 12.46 -11.69 18.64
C SER A 39 11.50 -10.71 19.26
N THR A 40 10.63 -10.14 18.43
CA THR A 40 9.65 -9.17 18.90
C THR A 40 8.43 -9.15 18.01
N LEU A 41 7.27 -9.06 18.64
CA LEU A 41 6.01 -8.96 17.91
C LEU A 41 5.63 -7.49 18.09
N LEU A 42 5.58 -6.76 16.99
CA LEU A 42 5.24 -5.35 17.02
C LEU A 42 3.82 -5.12 16.54
N ILE A 43 3.01 -4.46 17.36
CA ILE A 43 1.64 -4.17 17.00
C ILE A 43 1.49 -2.68 16.73
N LEU A 44 1.18 -2.34 15.48
CA LEU A 44 1.01 -0.96 15.07
C LEU A 44 -0.45 -0.55 15.20
N ASN A 45 -0.71 0.76 15.17
CA ASN A 45 -2.07 1.26 15.35
C ASN A 45 -3.04 1.08 14.18
N GLN A 46 -3.63 -0.11 14.12
CA GLN A 46 -4.62 -0.46 13.11
C GLN A 46 -5.42 -1.61 13.70
N LYS A 47 -6.71 -1.69 13.37
CA LYS A 47 -7.54 -2.76 13.90
C LYS A 47 -6.91 -4.12 13.64
N ILE A 48 -6.92 -4.97 14.65
CA ILE A 48 -6.36 -6.31 14.53
C ILE A 48 -7.49 -7.21 14.01
N ASP A 49 -7.18 -8.07 13.06
CA ASP A 49 -8.21 -8.96 12.53
C ASP A 49 -7.65 -10.34 12.17
N ILE A 50 -6.40 -10.57 12.57
CA ILE A 50 -5.75 -11.85 12.33
C ILE A 50 -6.53 -12.88 13.14
N PRO A 51 -6.67 -14.12 12.61
CA PRO A 51 -7.41 -15.14 13.36
C PRO A 51 -6.86 -15.31 14.77
N ARG A 52 -7.75 -15.44 15.74
CA ARG A 52 -7.36 -15.60 17.14
C ARG A 52 -6.34 -16.73 17.36
N PRO A 53 -6.58 -17.92 16.80
CA PRO A 53 -5.62 -19.01 16.99
C PRO A 53 -4.20 -18.64 16.53
N LEU A 54 -4.13 -17.99 15.37
CA LEU A 54 -2.85 -17.58 14.81
C LEU A 54 -2.20 -16.53 15.70
N PHE A 55 -3.02 -15.64 16.26
CA PHE A 55 -2.53 -14.59 17.14
C PHE A 55 -1.83 -15.20 18.35
N TYR A 56 -2.50 -16.16 18.99
CA TYR A 56 -1.96 -16.84 20.15
C TYR A 56 -0.61 -17.46 19.82
N LYS A 57 -0.55 -18.09 18.65
CA LYS A 57 0.66 -18.76 18.20
C LYS A 57 1.83 -17.81 17.98
N ILE A 58 1.63 -16.76 17.19
CA ILE A 58 2.72 -15.84 16.94
C ILE A 58 3.13 -15.10 18.21
N TRP A 59 2.19 -14.93 19.13
CA TRP A 59 2.49 -14.26 20.40
C TRP A 59 3.46 -15.14 21.19
N LYS A 60 3.20 -16.44 21.22
CA LYS A 60 4.07 -17.37 21.94
C LYS A 60 5.42 -17.54 21.26
N LEU A 61 5.45 -17.42 19.93
CA LEU A 61 6.69 -17.57 19.19
C LEU A 61 7.63 -16.38 19.30
N HIS A 62 7.15 -15.28 19.88
CA HIS A 62 7.98 -14.10 20.03
C HIS A 62 8.19 -13.72 21.48
N ASP A 63 9.39 -13.25 21.78
CA ASP A 63 9.77 -12.85 23.13
C ASP A 63 9.13 -11.54 23.58
N LEU A 64 9.61 -10.43 23.01
CA LEU A 64 9.11 -9.11 23.36
C LEU A 64 7.87 -8.73 22.54
N LYS A 65 6.94 -8.06 23.19
CA LYS A 65 5.72 -7.58 22.53
C LYS A 65 5.64 -6.08 22.75
N VAL A 66 5.54 -5.32 21.65
CA VAL A 66 5.48 -3.87 21.74
C VAL A 66 4.27 -3.29 21.03
N CYS A 67 3.60 -2.37 21.70
CA CYS A 67 2.43 -1.69 21.13
C CYS A 67 2.78 -0.26 20.77
N ALA A 68 2.47 0.12 19.54
CA ALA A 68 2.75 1.46 19.06
C ALA A 68 1.58 2.40 19.37
N ASP A 69 1.73 3.17 20.44
CA ASP A 69 0.71 4.14 20.85
C ASP A 69 -0.71 3.59 20.85
N GLY A 70 -1.51 4.06 19.90
CA GLY A 70 -2.90 3.62 19.79
C GLY A 70 -3.09 2.12 19.62
N ALA A 71 -2.02 1.41 19.28
CA ALA A 71 -2.09 -0.03 19.11
C ALA A 71 -2.58 -0.68 20.40
N ALA A 72 -2.38 0.01 21.51
CA ALA A 72 -2.80 -0.49 22.81
C ALA A 72 -4.33 -0.58 22.83
N ASN A 73 -4.98 0.39 22.19
CA ASN A 73 -6.44 0.39 22.12
C ASN A 73 -6.86 -0.82 21.28
N ARG A 74 -6.14 -1.01 20.18
CA ARG A 74 -6.40 -2.10 19.25
C ARG A 74 -6.33 -3.47 19.94
N LEU A 75 -5.27 -3.68 20.73
CA LEU A 75 -5.10 -4.94 21.43
C LEU A 75 -6.20 -5.16 22.47
N TYR A 76 -6.51 -4.08 23.20
CA TYR A 76 -7.54 -4.14 24.24
C TYR A 76 -8.90 -4.55 23.65
N ASP A 77 -9.29 -3.90 22.55
CA ASP A 77 -10.56 -4.20 21.90
C ASP A 77 -10.57 -5.53 21.15
N TYR A 78 -9.40 -5.96 20.69
CA TYR A 78 -9.27 -7.22 19.96
C TYR A 78 -9.63 -8.39 20.89
N LEU A 79 -9.14 -8.31 22.12
CA LEU A 79 -9.40 -9.34 23.12
C LEU A 79 -10.58 -8.89 23.97
N ASP A 80 -11.76 -8.85 23.35
CA ASP A 80 -12.98 -8.40 24.01
C ASP A 80 -14.02 -9.48 24.25
N ASP A 81 -13.63 -10.75 24.18
CA ASP A 81 -14.59 -11.83 24.38
C ASP A 81 -14.34 -12.64 25.66
N ASP A 82 -13.30 -12.28 26.40
CA ASP A 82 -12.97 -12.99 27.63
C ASP A 82 -11.93 -12.18 28.40
N GLU A 83 -12.30 -11.69 29.57
CA GLU A 83 -11.39 -10.89 30.38
C GLU A 83 -10.12 -11.61 30.80
N THR A 84 -10.19 -12.93 30.97
CA THR A 84 -9.01 -13.68 31.37
C THR A 84 -7.99 -13.78 30.24
N LEU A 85 -8.46 -13.69 29.01
CA LEU A 85 -7.56 -13.75 27.86
C LEU A 85 -6.91 -12.39 27.63
N ARG A 86 -7.66 -11.32 27.87
CA ARG A 86 -7.13 -9.98 27.70
C ARG A 86 -5.97 -9.72 28.66
N ILE A 87 -6.05 -10.26 29.87
CA ILE A 87 -4.99 -10.07 30.86
C ILE A 87 -3.85 -11.05 30.64
N LYS A 88 -4.08 -12.06 29.81
CA LYS A 88 -3.05 -13.06 29.52
C LYS A 88 -2.08 -12.57 28.44
N TYR A 89 -2.52 -11.60 27.64
CA TYR A 89 -1.68 -11.07 26.58
C TYR A 89 -1.37 -9.59 26.76
N LEU A 90 -0.49 -9.31 27.71
CA LEU A 90 -0.08 -7.94 28.01
C LEU A 90 1.22 -7.61 27.28
N PRO A 91 1.28 -6.45 26.62
CA PRO A 91 2.50 -6.07 25.91
C PRO A 91 3.58 -5.70 26.91
N ASN A 92 4.84 -5.80 26.52
CA ASN A 92 5.93 -5.44 27.42
C ASN A 92 6.05 -3.92 27.46
N TYR A 93 5.89 -3.29 26.29
CA TYR A 93 5.97 -1.84 26.18
C TYR A 93 4.84 -1.23 25.35
N ILE A 94 4.57 0.03 25.65
CA ILE A 94 3.61 0.85 24.93
C ILE A 94 4.36 2.17 24.80
N ILE A 95 4.59 2.60 23.58
CA ILE A 95 5.34 3.85 23.36
C ILE A 95 4.70 4.74 22.30
N GLY A 96 4.77 6.05 22.53
CA GLY A 96 4.20 7.01 21.60
C GLY A 96 3.85 8.29 22.34
N ASP A 97 3.15 9.21 21.68
CA ASP A 97 2.76 10.46 22.33
C ASP A 97 1.66 10.19 23.36
N LEU A 98 1.02 9.03 23.20
CA LEU A 98 -0.06 8.58 24.10
C LEU A 98 -1.38 9.33 23.99
N ASP A 99 -1.48 10.28 23.06
CA ASP A 99 -2.70 11.04 22.89
C ASP A 99 -3.83 10.17 22.33
N SER A 100 -3.46 9.14 21.57
CA SER A 100 -4.43 8.23 20.97
C SER A 100 -5.05 7.26 21.97
N LEU A 101 -4.37 7.05 23.10
CA LEU A 101 -4.86 6.14 24.12
C LEU A 101 -6.08 6.64 24.87
N SER A 102 -7.06 5.77 25.04
CA SER A 102 -8.26 6.12 25.79
C SER A 102 -7.87 5.99 27.25
N GLU A 103 -8.47 6.81 28.11
CA GLU A 103 -8.16 6.74 29.53
C GLU A 103 -8.40 5.32 30.04
N LYS A 104 -9.43 4.69 29.51
CA LYS A 104 -9.79 3.33 29.89
C LYS A 104 -8.65 2.34 29.61
N VAL A 105 -8.09 2.41 28.41
CA VAL A 105 -7.00 1.53 28.01
C VAL A 105 -5.70 1.84 28.72
N TYR A 106 -5.40 3.14 28.88
CA TYR A 106 -4.18 3.56 29.57
C TYR A 106 -4.19 3.04 31.00
N LYS A 107 -5.32 3.20 31.67
CA LYS A 107 -5.48 2.76 33.05
C LYS A 107 -5.37 1.24 33.19
N TYR A 108 -5.93 0.51 32.22
CA TYR A 108 -5.88 -0.95 32.25
C TYR A 108 -4.46 -1.48 32.21
N TYR A 109 -3.70 -1.06 31.20
CA TYR A 109 -2.33 -1.54 31.05
C TYR A 109 -1.37 -0.95 32.09
N ARG A 110 -1.69 0.23 32.61
CA ARG A 110 -0.83 0.82 33.63
C ARG A 110 -1.03 -0.02 34.89
N LYS A 111 -2.29 -0.32 35.19
CA LYS A 111 -2.64 -1.13 36.35
C LYS A 111 -1.99 -2.50 36.26
N ASN A 112 -1.88 -3.00 35.03
CA ASN A 112 -1.27 -4.32 34.81
C ASN A 112 0.24 -4.27 34.59
N LYS A 113 0.85 -3.21 35.09
CA LYS A 113 2.31 -3.02 35.04
C LYS A 113 3.02 -2.95 33.69
N VAL A 114 2.33 -2.57 32.63
CA VAL A 114 2.98 -2.47 31.33
C VAL A 114 3.92 -1.25 31.36
N THR A 115 5.09 -1.37 30.76
CA THR A 115 6.03 -0.25 30.72
C THR A 115 5.57 0.73 29.65
N ILE A 116 5.00 1.85 30.09
CA ILE A 116 4.49 2.87 29.18
C ILE A 116 5.47 4.04 29.08
N ILE A 117 5.91 4.32 27.86
CA ILE A 117 6.86 5.40 27.61
C ILE A 117 6.27 6.47 26.70
N LYS A 118 6.34 7.72 27.16
CA LYS A 118 5.82 8.84 26.39
C LYS A 118 6.93 9.54 25.60
N GLN A 119 6.65 9.83 24.33
CA GLN A 119 7.58 10.51 23.44
C GLN A 119 6.74 11.50 22.63
N THR A 120 6.97 12.78 22.86
CA THR A 120 6.20 13.83 22.21
C THR A 120 6.65 14.27 20.81
N THR A 121 7.91 14.02 20.47
CA THR A 121 8.42 14.44 19.17
C THR A 121 7.53 14.08 17.98
N GLN A 122 7.29 15.06 17.13
CA GLN A 122 6.49 14.86 15.93
C GLN A 122 7.39 14.76 14.71
N TYR A 123 8.66 14.42 14.94
CA TYR A 123 9.62 14.29 13.86
C TYR A 123 10.01 12.84 13.61
N SER A 124 9.37 11.93 14.34
CA SER A 124 9.62 10.51 14.19
C SER A 124 8.28 9.80 14.26
N THR A 125 8.13 8.74 13.48
CA THR A 125 6.89 7.98 13.47
C THR A 125 6.86 7.07 14.69
N ASP A 126 5.69 6.55 15.01
CA ASP A 126 5.58 5.65 16.15
C ASP A 126 6.39 4.40 15.84
N PHE A 127 6.49 4.06 14.56
CA PHE A 127 7.24 2.89 14.15
C PHE A 127 8.71 3.07 14.55
N THR A 128 9.28 4.22 14.20
CA THR A 128 10.66 4.51 14.54
C THR A 128 10.85 4.52 16.05
N LYS A 129 9.88 5.10 16.77
CA LYS A 129 9.95 5.13 18.21
C LYS A 129 10.02 3.70 18.73
N CYS A 130 9.24 2.81 18.13
CA CYS A 130 9.21 1.41 18.53
C CYS A 130 10.50 0.66 18.21
N VAL A 131 11.01 0.79 16.99
CA VAL A 131 12.24 0.08 16.63
C VAL A 131 13.44 0.57 17.45
N ASN A 132 13.47 1.86 17.76
CA ASN A 132 14.56 2.39 18.57
C ASN A 132 14.49 1.77 19.95
N LEU A 133 13.27 1.69 20.49
CA LEU A 133 13.03 1.10 21.80
C LEU A 133 13.43 -0.37 21.83
N ILE A 134 12.97 -1.12 20.83
CA ILE A 134 13.27 -2.55 20.75
C ILE A 134 14.77 -2.82 20.71
N SER A 135 15.49 -2.04 19.92
CA SER A 135 16.94 -2.21 19.83
C SER A 135 17.61 -1.93 21.18
N LEU A 136 17.22 -0.84 21.82
CA LEU A 136 17.77 -0.46 23.12
C LEU A 136 17.50 -1.56 24.14
N HIS A 137 16.30 -2.12 24.09
CA HIS A 137 15.91 -3.19 25.01
C HIS A 137 16.87 -4.38 24.96
N PHE A 138 17.24 -4.79 23.75
CA PHE A 138 18.12 -5.94 23.57
C PHE A 138 19.62 -5.62 23.51
N ASN A 139 19.97 -4.45 23.02
CA ASN A 139 21.39 -4.12 22.85
C ASN A 139 22.00 -3.07 23.77
N SER A 140 21.25 -2.56 24.72
CA SER A 140 21.78 -1.56 25.65
C SER A 140 21.60 -2.00 27.10
N PRO A 141 22.67 -2.54 27.72
CA PRO A 141 22.58 -2.97 29.11
C PRO A 141 22.14 -1.80 29.98
N GLU A 142 22.70 -0.62 29.68
CA GLU A 142 22.39 0.60 30.41
C GLU A 142 20.91 0.91 30.35
N PHE A 143 20.31 0.77 29.18
CA PHE A 143 18.88 1.04 29.03
C PHE A 143 18.05 0.06 29.85
N ARG A 144 18.43 -1.21 29.81
CA ARG A 144 17.71 -2.24 30.57
C ARG A 144 17.74 -1.93 32.06
N SER A 145 18.89 -1.45 32.54
CA SER A 145 19.03 -1.12 33.96
C SER A 145 18.13 0.08 34.27
N LEU A 146 18.01 0.97 33.30
CA LEU A 146 17.18 2.17 33.46
C LEU A 146 15.71 1.79 33.61
N ILE A 147 15.25 0.91 32.74
CA ILE A 147 13.85 0.46 32.75
C ILE A 147 13.50 -0.37 33.97
N SER A 148 14.41 -1.26 34.37
CA SER A 148 14.16 -2.15 35.51
C SER A 148 14.38 -1.53 36.87
N ASN A 149 14.76 -0.26 36.93
CA ASN A 149 15.00 0.35 38.22
C ASN A 149 13.75 0.95 38.84
N LYS A 150 13.69 0.95 40.16
CA LYS A 150 12.57 1.53 40.90
C LYS A 150 12.97 2.99 41.10
N ASP A 151 11.98 3.87 41.27
CA ASP A 151 12.24 5.29 41.45
C ASP A 151 12.52 5.92 40.09
N ASN A 152 11.80 5.46 39.07
CA ASN A 152 11.95 5.96 37.70
C ASN A 152 10.61 5.98 36.96
N LEU A 153 9.85 4.91 37.15
CA LEU A 153 8.56 4.72 36.49
C LEU A 153 7.47 5.66 36.98
N GLN A 154 7.87 6.81 37.48
CA GLN A 154 6.94 7.83 37.96
C GLN A 154 7.44 9.13 37.36
N SER A 155 8.39 8.99 36.44
CA SER A 155 9.02 10.10 35.76
C SER A 155 9.45 9.63 34.36
N ASN A 156 8.51 8.99 33.66
CA ASN A 156 8.74 8.47 32.32
C ASN A 156 9.93 7.52 32.23
N HIS A 157 10.19 6.81 33.32
CA HIS A 157 11.28 5.84 33.37
C HIS A 157 12.67 6.43 33.12
N GLY A 158 12.83 7.73 33.38
CA GLY A 158 14.11 8.37 33.17
C GLY A 158 14.47 8.59 31.71
N ILE A 159 13.46 8.65 30.86
CA ILE A 159 13.66 8.86 29.44
C ILE A 159 13.17 10.25 29.05
N GLU A 160 14.06 11.05 28.46
CA GLU A 160 13.71 12.41 28.05
C GLU A 160 12.40 12.39 27.27
N LEU A 161 11.43 13.15 27.75
CA LEU A 161 10.08 13.21 27.17
C LEU A 161 9.92 13.48 25.67
N GLU A 162 10.72 14.40 25.12
CA GLU A 162 10.59 14.72 23.70
C GLU A 162 11.08 13.65 22.74
N LYS A 163 12.36 13.32 22.82
CA LYS A 163 12.94 12.33 21.91
C LYS A 163 14.02 11.46 22.55
N GLY A 164 13.94 11.26 23.86
CA GLY A 164 14.92 10.46 24.56
C GLY A 164 15.22 9.10 23.95
N ILE A 165 14.19 8.40 23.51
CA ILE A 165 14.38 7.07 22.91
C ILE A 165 15.28 7.16 21.68
N HIS A 166 15.16 8.25 20.94
CA HIS A 166 15.98 8.44 19.74
C HIS A 166 17.40 8.83 20.13
N THR A 167 17.53 9.71 21.10
CA THR A 167 18.83 10.17 21.57
C THR A 167 19.63 8.99 22.11
N LEU A 168 18.99 8.17 22.93
CA LEU A 168 19.65 6.99 23.50
C LEU A 168 19.99 5.98 22.41
N TYR A 169 19.06 5.80 21.48
CA TYR A 169 19.28 4.87 20.37
C TYR A 169 20.48 5.31 19.53
N ASN A 170 20.52 6.60 19.20
CA ASN A 170 21.61 7.15 18.39
C ASN A 170 22.96 6.96 19.07
N THR A 171 23.03 7.27 20.35
CA THR A 171 24.28 7.13 21.10
C THR A 171 24.75 5.68 21.09
N MET A 172 23.83 4.75 21.25
CA MET A 172 24.15 3.32 21.24
C MET A 172 24.61 2.83 19.88
N THR A 173 23.81 3.10 18.86
CA THR A 173 24.10 2.66 17.49
C THR A 173 25.46 3.14 16.96
N GLU A 174 25.99 4.23 17.51
CA GLU A 174 27.27 4.75 17.07
C GLU A 174 28.42 3.75 17.16
N SER A 175 28.28 2.75 18.04
CA SER A 175 29.34 1.76 18.21
C SER A 175 28.99 0.35 17.74
N LEU A 176 27.71 0.11 17.47
CA LEU A 176 27.28 -1.21 17.03
C LEU A 176 27.80 -1.63 15.66
N VAL A 177 28.18 -2.90 15.55
CA VAL A 177 28.64 -3.49 14.31
C VAL A 177 27.60 -4.55 14.01
N PHE A 178 26.61 -4.16 13.22
CA PHE A 178 25.47 -4.99 12.84
C PHE A 178 25.71 -6.48 12.63
N SER A 179 26.79 -6.84 11.94
CA SER A 179 27.08 -8.26 11.69
C SER A 179 27.45 -8.99 12.96
N LYS A 180 27.69 -8.24 14.04
CA LYS A 180 28.08 -8.82 15.31
C LYS A 180 26.98 -8.65 16.37
N VAL A 181 25.84 -8.10 15.96
CA VAL A 181 24.72 -7.90 16.87
C VAL A 181 23.76 -9.08 16.70
N THR A 182 23.28 -9.62 17.81
CA THR A 182 22.34 -10.73 17.74
C THR A 182 21.12 -10.28 16.94
N PRO A 183 20.72 -11.07 15.93
CA PRO A 183 19.57 -10.73 15.10
C PRO A 183 18.27 -10.60 15.89
N ILE A 184 17.39 -9.74 15.42
CA ILE A 184 16.10 -9.53 16.06
C ILE A 184 15.01 -9.85 15.03
N SER A 185 14.34 -10.99 15.23
CA SER A 185 13.27 -11.41 14.33
C SER A 185 12.06 -10.56 14.70
N LEU A 186 11.73 -9.62 13.83
CA LEU A 186 10.62 -8.71 14.05
C LEU A 186 9.42 -8.93 13.14
N LEU A 187 8.29 -9.31 13.72
CA LEU A 187 7.06 -9.52 12.97
C LEU A 187 6.11 -8.38 13.34
N ALA A 188 5.63 -7.65 12.33
CA ALA A 188 4.76 -6.52 12.59
C ALA A 188 3.33 -6.69 12.10
N LEU A 189 2.39 -6.26 12.94
CA LEU A 189 0.96 -6.33 12.63
C LEU A 189 0.40 -4.92 12.51
N GLY A 190 -0.48 -4.70 11.53
CA GLY A 190 -1.10 -3.40 11.35
C GLY A 190 -0.35 -2.28 10.64
N GLY A 191 0.76 -2.60 9.99
CA GLY A 191 1.52 -1.56 9.31
C GLY A 191 1.13 -1.37 7.86
N ILE A 192 0.24 -2.23 7.37
CA ILE A 192 -0.19 -2.19 5.98
C ILE A 192 -1.72 -2.22 5.85
N GLY A 193 -2.25 -1.48 4.87
CA GLY A 193 -3.69 -1.48 4.64
C GLY A 193 -4.54 -0.38 5.27
N GLY A 194 -3.92 0.58 5.94
CA GLY A 194 -4.68 1.65 6.55
C GLY A 194 -4.36 2.99 5.91
N ARG A 195 -4.13 4.01 6.71
CA ARG A 195 -3.77 5.33 6.19
C ARG A 195 -2.63 5.05 5.22
N PHE A 196 -2.80 5.42 3.96
CA PHE A 196 -1.78 5.11 2.97
C PHE A 196 -0.37 5.61 3.22
N ASP A 197 -0.21 6.83 3.71
CA ASP A 197 1.14 7.33 3.96
C ASP A 197 1.83 6.45 5.00
N GLN A 198 1.03 5.80 5.85
CA GLN A 198 1.58 4.91 6.86
C GLN A 198 2.05 3.61 6.21
N THR A 199 1.33 3.16 5.20
CA THR A 199 1.69 1.95 4.49
C THR A 199 3.05 2.19 3.84
N VAL A 200 3.21 3.36 3.24
CA VAL A 200 4.48 3.71 2.60
C VAL A 200 5.60 3.81 3.62
N HIS A 201 5.33 4.42 4.77
CA HIS A 201 6.37 4.54 5.78
C HIS A 201 6.82 3.16 6.24
N SER A 202 5.87 2.24 6.41
CA SER A 202 6.20 0.89 6.85
C SER A 202 7.17 0.28 5.85
N ILE A 203 6.91 0.50 4.56
CA ILE A 203 7.78 -0.03 3.52
C ILE A 203 9.19 0.56 3.63
N THR A 204 9.29 1.84 3.96
CA THR A 204 10.60 2.46 4.09
C THR A 204 11.40 1.79 5.18
N GLN A 205 10.73 1.32 6.23
CA GLN A 205 11.40 0.65 7.34
C GLN A 205 12.16 -0.59 6.86
N LEU A 206 11.60 -1.28 5.87
CA LEU A 206 12.25 -2.47 5.34
C LEU A 206 13.61 -2.12 4.74
N TYR A 207 13.67 -0.96 4.07
CA TYR A 207 14.92 -0.51 3.46
C TYR A 207 15.90 0.11 4.46
N THR A 208 15.42 1.04 5.29
CA THR A 208 16.29 1.71 6.25
C THR A 208 16.87 0.79 7.31
N LEU A 209 16.08 -0.16 7.82
CA LEU A 209 16.59 -1.08 8.83
C LEU A 209 17.67 -1.96 8.23
N SER A 210 17.45 -2.43 7.01
CA SER A 210 18.41 -3.29 6.33
C SER A 210 19.76 -2.59 6.16
N GLU A 211 19.72 -1.27 6.05
CA GLU A 211 20.93 -0.46 5.85
C GLU A 211 21.53 0.14 7.11
N ASN A 212 20.68 0.66 8.00
CA ASN A 212 21.14 1.31 9.22
C ASN A 212 20.97 0.53 10.53
N ALA A 213 20.41 -0.67 10.44
CA ALA A 213 20.20 -1.51 11.61
C ALA A 213 19.98 -2.93 11.11
N SER A 214 20.92 -3.39 10.30
CA SER A 214 20.89 -4.69 9.65
C SER A 214 20.59 -5.92 10.51
N TYR A 215 20.75 -5.82 11.82
CA TYR A 215 20.49 -6.97 12.68
C TYR A 215 18.99 -7.26 12.77
N PHE A 216 18.18 -6.28 12.37
CA PHE A 216 16.73 -6.45 12.38
C PHE A 216 16.30 -7.26 11.17
N LYS A 217 15.34 -8.14 11.37
CA LYS A 217 14.79 -8.96 10.29
C LYS A 217 13.28 -8.74 10.37
N LEU A 218 12.83 -7.70 9.67
CA LEU A 218 11.44 -7.29 9.67
C LEU A 218 10.57 -7.94 8.59
N CYS A 219 9.37 -8.33 9.00
CA CYS A 219 8.40 -8.93 8.10
C CYS A 219 7.02 -8.49 8.57
N TYR A 220 6.21 -8.02 7.62
CA TYR A 220 4.86 -7.60 7.95
C TYR A 220 3.91 -8.76 7.67
N MET A 221 2.96 -8.96 8.57
CA MET A 221 1.95 -9.99 8.38
C MET A 221 0.62 -9.27 8.29
N THR A 222 -0.04 -9.41 7.15
CA THR A 222 -1.32 -8.76 6.94
C THR A 222 -2.38 -9.83 6.73
N PRO A 223 -3.65 -9.43 6.58
CA PRO A 223 -4.71 -10.41 6.36
C PRO A 223 -4.51 -11.22 5.08
N THR A 224 -3.64 -10.73 4.20
CA THR A 224 -3.40 -11.39 2.92
C THR A 224 -1.94 -11.61 2.53
N ASP A 225 -1.02 -10.90 3.15
CA ASP A 225 0.39 -11.05 2.76
C ASP A 225 1.43 -11.07 3.87
N LEU A 226 2.62 -11.48 3.45
CA LEU A 226 3.82 -11.48 4.25
C LEU A 226 4.64 -10.54 3.38
N ILE A 227 5.10 -9.44 3.95
CA ILE A 227 5.87 -8.48 3.18
C ILE A 227 7.23 -8.30 3.83
N PHE A 228 8.28 -8.55 3.06
CA PHE A 228 9.64 -8.44 3.57
C PHE A 228 10.61 -8.06 2.46
N LEU A 229 11.86 -7.80 2.83
CA LEU A 229 12.88 -7.42 1.87
C LEU A 229 13.77 -8.60 1.49
N ILE A 230 14.17 -8.62 0.22
CA ILE A 230 15.05 -9.66 -0.31
C ILE A 230 16.35 -8.97 -0.71
N LYS A 231 17.47 -9.53 -0.27
CA LYS A 231 18.77 -8.94 -0.58
C LYS A 231 19.20 -9.20 -2.02
N LYS A 232 19.92 -8.23 -2.57
CA LYS A 232 20.41 -8.29 -3.93
C LYS A 232 21.47 -9.37 -4.15
N ASN A 233 21.80 -9.59 -5.42
CA ASN A 233 22.82 -10.54 -5.86
C ASN A 233 22.63 -12.03 -5.60
N GLY A 234 21.39 -12.51 -5.59
CA GLY A 234 21.16 -13.93 -5.41
C GLY A 234 20.63 -14.43 -4.09
N THR A 235 19.32 -14.52 -3.99
CA THR A 235 18.68 -15.01 -2.75
C THR A 235 17.79 -16.21 -3.04
N LEU A 236 18.00 -17.28 -2.28
CA LEU A 236 17.20 -18.49 -2.43
C LEU A 236 16.12 -18.50 -1.36
N ILE A 237 14.87 -18.47 -1.79
CA ILE A 237 13.74 -18.51 -0.87
C ILE A 237 13.36 -19.98 -0.71
N GLU A 238 13.42 -20.47 0.52
CA GLU A 238 13.09 -21.87 0.79
C GLU A 238 11.79 -22.03 1.55
N TYR A 239 11.14 -23.17 1.35
CA TYR A 239 9.88 -23.46 1.99
C TYR A 239 9.49 -24.94 1.85
N ASP A 240 8.87 -25.47 2.90
CA ASP A 240 8.44 -26.86 2.88
C ASP A 240 7.33 -26.97 1.84
N PRO A 241 7.41 -27.98 0.96
CA PRO A 241 6.41 -28.18 -0.09
C PRO A 241 4.96 -28.10 0.38
N GLN A 242 4.62 -28.85 1.43
CA GLN A 242 3.26 -28.85 1.95
C GLN A 242 2.86 -27.48 2.47
N PHE A 243 3.78 -26.82 3.17
CA PHE A 243 3.52 -25.49 3.71
C PHE A 243 3.15 -24.55 2.56
N ARG A 244 3.93 -24.61 1.49
CA ARG A 244 3.70 -23.76 0.32
C ARG A 244 2.40 -24.07 -0.41
N ASN A 245 2.12 -25.36 -0.60
CA ASN A 245 0.91 -25.75 -1.31
C ASN A 245 -0.39 -25.45 -0.56
N THR A 246 -0.33 -25.47 0.77
CA THR A 246 -1.51 -25.22 1.59
C THR A 246 -1.69 -23.79 2.08
N CYS A 247 -0.60 -23.10 2.40
CA CYS A 247 -0.68 -21.76 2.94
C CYS A 247 -0.27 -20.60 2.03
N ILE A 248 0.39 -20.90 0.92
CA ILE A 248 0.85 -19.83 0.03
C ILE A 248 0.12 -19.68 -1.29
N GLY A 249 -0.12 -18.43 -1.69
CA GLY A 249 -0.80 -18.15 -2.94
C GLY A 249 0.16 -17.53 -3.94
N ASN A 250 -0.18 -16.35 -4.44
CA ASN A 250 0.66 -15.65 -5.41
C ASN A 250 1.78 -14.88 -4.71
N CYS A 251 2.62 -14.23 -5.51
CA CYS A 251 3.72 -13.44 -4.96
C CYS A 251 4.08 -12.32 -5.94
N GLY A 252 4.81 -11.33 -5.45
CA GLY A 252 5.19 -10.22 -6.30
C GLY A 252 6.54 -9.63 -5.97
N LEU A 253 7.29 -9.27 -7.00
CA LEU A 253 8.61 -8.67 -6.84
C LEU A 253 8.37 -7.17 -6.97
N LEU A 254 8.47 -6.45 -5.87
CA LEU A 254 8.16 -5.04 -5.85
C LEU A 254 9.32 -4.06 -5.63
N PRO A 255 9.75 -3.36 -6.69
CA PRO A 255 10.84 -2.39 -6.58
C PRO A 255 10.27 -1.07 -6.11
N ILE A 256 9.77 -1.06 -4.88
CA ILE A 256 9.15 0.12 -4.30
C ILE A 256 10.15 1.23 -4.00
N GLY A 257 9.87 2.42 -4.51
CA GLY A 257 10.74 3.57 -4.26
C GLY A 257 12.00 3.68 -5.10
N GLU A 258 12.37 2.60 -5.79
CA GLU A 258 13.58 2.61 -6.60
C GLU A 258 13.58 1.53 -7.68
N ALA A 259 13.88 1.93 -8.91
CA ALA A 259 13.93 0.99 -10.01
C ALA A 259 15.19 0.13 -9.89
N THR A 260 15.13 -1.08 -10.43
CA THR A 260 16.28 -1.97 -10.38
C THR A 260 16.22 -2.97 -11.53
N LEU A 261 17.11 -3.94 -11.51
CA LEU A 261 17.17 -4.95 -12.56
C LEU A 261 17.06 -6.34 -11.96
N VAL A 262 16.17 -7.16 -12.52
CA VAL A 262 16.03 -8.53 -12.05
C VAL A 262 16.96 -9.33 -12.95
N LYS A 263 18.16 -9.58 -12.47
CA LYS A 263 19.16 -10.31 -13.24
C LYS A 263 18.66 -11.68 -13.66
N GLU A 264 18.03 -12.40 -12.74
CA GLU A 264 17.52 -13.74 -13.05
C GLU A 264 16.69 -14.33 -11.90
N THR A 265 15.65 -15.06 -12.28
CA THR A 265 14.80 -15.74 -11.30
C THR A 265 14.65 -17.18 -11.74
N ARG A 266 14.45 -18.07 -10.77
CA ARG A 266 14.26 -19.49 -11.05
C ARG A 266 13.28 -20.04 -10.03
N GLY A 267 12.17 -20.60 -10.48
CA GLY A 267 11.20 -21.14 -9.56
C GLY A 267 9.90 -20.36 -9.52
N LEU A 268 9.74 -19.39 -10.42
CA LEU A 268 8.52 -18.60 -10.50
C LEU A 268 7.73 -19.04 -11.71
N LYS A 269 6.41 -18.93 -11.64
CA LYS A 269 5.56 -19.33 -12.76
C LYS A 269 6.03 -18.58 -13.99
N TRP A 270 6.41 -17.32 -13.79
CA TRP A 270 6.93 -16.48 -14.85
C TRP A 270 8.32 -16.01 -14.46
N ASP A 271 9.33 -16.71 -14.97
CA ASP A 271 10.73 -16.36 -14.69
C ASP A 271 11.21 -15.29 -15.65
N VAL A 272 12.10 -14.43 -15.18
CA VAL A 272 12.65 -13.37 -16.01
C VAL A 272 14.17 -13.35 -15.89
N LYS A 273 14.82 -12.69 -16.85
CA LYS A 273 16.27 -12.58 -16.88
C LYS A 273 16.64 -11.25 -17.55
N ASN A 274 17.60 -10.54 -16.96
CA ASN A 274 18.02 -9.24 -17.49
C ASN A 274 16.76 -8.42 -17.72
N TRP A 275 15.85 -8.51 -16.75
CA TRP A 275 14.55 -7.85 -16.82
C TRP A 275 14.46 -6.58 -15.96
N PRO A 276 14.44 -5.40 -16.60
CA PRO A 276 14.35 -4.15 -15.84
C PRO A 276 12.99 -4.06 -15.16
N THR A 277 12.98 -3.59 -13.92
CA THR A 277 11.72 -3.46 -13.19
C THR A 277 11.62 -2.10 -12.51
N SER A 278 10.44 -1.49 -12.61
CA SER A 278 10.21 -0.18 -12.01
C SER A 278 8.73 0.12 -11.86
N VAL A 279 8.37 0.77 -10.75
CA VAL A 279 7.00 1.14 -10.49
C VAL A 279 6.59 2.25 -11.45
N VAL A 280 7.55 3.07 -11.84
CA VAL A 280 7.31 4.18 -12.75
C VAL A 280 7.00 3.72 -14.18
N THR A 281 7.69 2.69 -14.64
CA THR A 281 7.46 2.18 -16.00
C THR A 281 6.33 1.16 -16.02
N GLY A 282 5.90 0.73 -14.84
CA GLY A 282 4.83 -0.26 -14.76
C GLY A 282 5.34 -1.67 -14.92
N ARG A 283 6.64 -1.81 -15.19
CA ARG A 283 7.24 -3.12 -15.34
C ARG A 283 7.45 -3.72 -13.96
N VAL A 284 6.41 -4.38 -13.46
CA VAL A 284 6.46 -5.01 -12.14
C VAL A 284 5.82 -6.38 -12.20
N SER A 285 6.54 -7.38 -11.70
CA SER A 285 6.02 -8.73 -11.68
C SER A 285 4.99 -8.87 -10.56
N SER A 286 3.72 -8.78 -10.93
CA SER A 286 2.63 -8.91 -9.97
C SER A 286 1.82 -10.13 -10.38
N SER A 287 1.13 -10.74 -9.44
CA SER A 287 0.33 -11.93 -9.71
C SER A 287 1.20 -13.10 -10.18
N ASN A 288 2.44 -13.13 -9.72
CA ASN A 288 3.33 -14.22 -10.08
C ASN A 288 3.06 -15.26 -9.01
N ARG A 289 3.78 -16.37 -9.04
CA ARG A 289 3.61 -17.42 -8.04
C ARG A 289 4.74 -18.41 -8.11
N PHE A 290 5.08 -19.01 -6.96
CA PHE A 290 6.15 -20.00 -6.89
C PHE A 290 5.76 -21.29 -7.61
N VAL A 291 6.70 -21.86 -8.34
CA VAL A 291 6.47 -23.13 -9.02
C VAL A 291 7.55 -24.10 -8.55
N GLY A 292 8.61 -23.56 -7.96
CA GLY A 292 9.69 -24.39 -7.45
C GLY A 292 9.13 -25.21 -6.31
N ASP A 293 9.37 -26.52 -6.34
CA ASP A 293 8.84 -27.42 -5.33
C ASP A 293 9.13 -27.01 -3.88
N ASN A 294 10.40 -26.72 -3.57
CA ASN A 294 10.73 -26.33 -2.20
C ASN A 294 11.60 -25.07 -2.11
N CYS A 295 11.76 -24.38 -3.23
CA CYS A 295 12.56 -23.16 -3.24
C CYS A 295 12.44 -22.39 -4.55
N CYS A 296 12.75 -21.10 -4.46
CA CYS A 296 12.72 -20.20 -5.61
C CYS A 296 13.94 -19.31 -5.51
N PHE A 297 14.54 -18.98 -6.66
CA PHE A 297 15.73 -18.13 -6.68
C PHE A 297 15.46 -16.77 -7.32
N ILE A 298 15.87 -15.72 -6.63
CA ILE A 298 15.67 -14.36 -7.14
C ILE A 298 16.97 -13.57 -7.00
N ASP A 299 17.49 -13.12 -8.13
CA ASP A 299 18.73 -12.34 -8.17
C ASP A 299 18.46 -10.96 -8.76
N THR A 300 18.49 -9.95 -7.90
CA THR A 300 18.26 -8.56 -8.33
C THR A 300 19.51 -7.70 -8.10
N LYS A 301 19.67 -6.66 -8.92
CA LYS A 301 20.81 -5.76 -8.80
C LYS A 301 20.78 -4.98 -7.50
N ASP A 302 19.58 -4.69 -7.00
CA ASP A 302 19.41 -3.96 -5.76
C ASP A 302 18.36 -4.66 -4.91
N ASP A 303 18.37 -4.41 -3.61
CA ASP A 303 17.41 -5.03 -2.72
C ASP A 303 16.01 -4.70 -3.21
N ILE A 304 15.10 -5.66 -3.11
CA ILE A 304 13.72 -5.42 -3.52
C ILE A 304 12.76 -5.96 -2.47
N ILE A 305 11.52 -5.51 -2.54
CA ILE A 305 10.51 -5.97 -1.60
C ILE A 305 9.72 -7.10 -2.25
N LEU A 306 9.39 -8.10 -1.45
CA LEU A 306 8.62 -9.23 -1.93
C LEU A 306 7.38 -9.40 -1.07
N ASN A 307 6.27 -9.69 -1.72
CA ASN A 307 5.04 -9.92 -0.98
C ASN A 307 4.63 -11.35 -1.35
N VAL A 308 4.28 -12.12 -0.33
CA VAL A 308 3.87 -13.50 -0.54
C VAL A 308 2.48 -13.66 0.04
N GLU A 309 1.52 -13.94 -0.83
CA GLU A 309 0.15 -14.12 -0.40
C GLU A 309 0.04 -15.32 0.52
N ILE A 310 -0.68 -15.15 1.62
CA ILE A 310 -0.88 -16.22 2.57
C ILE A 310 -2.35 -16.45 2.86
N PHE A 311 -2.65 -17.68 3.27
CA PHE A 311 -4.01 -18.06 3.63
C PHE A 311 -3.92 -18.24 5.14
N VAL A 312 -4.11 -17.13 5.86
CA VAL A 312 -4.02 -17.10 7.31
C VAL A 312 -4.72 -18.21 8.08
N ASP A 313 -5.91 -18.61 7.63
CA ASP A 313 -6.64 -19.66 8.32
C ASP A 313 -5.97 -21.03 8.25
N LYS A 314 -4.94 -21.16 7.41
CA LYS A 314 -4.21 -22.43 7.27
C LYS A 314 -2.86 -22.41 7.97
N LEU A 315 -2.34 -21.21 8.19
CA LEU A 315 -1.04 -21.00 8.82
C LEU A 315 -0.77 -21.73 10.13
N ILE A 316 -1.70 -21.64 11.08
CA ILE A 316 -1.53 -22.26 12.39
C ILE A 316 -1.02 -23.70 12.39
N ASP A 317 -1.45 -24.49 11.43
CA ASP A 317 -1.03 -25.89 11.35
C ASP A 317 0.45 -26.12 11.06
N PHE A 318 1.13 -25.12 10.52
CA PHE A 318 2.55 -25.27 10.20
C PHE A 318 3.49 -24.42 11.06
N LEU A 319 3.00 -23.94 12.18
CA LEU A 319 3.82 -23.11 13.07
C LEU A 319 4.21 -23.84 14.36
N MET B 1 19.62 27.27 -1.20
CA MET B 1 20.07 25.99 -1.83
C MET B 1 20.25 24.94 -0.73
N SER B 2 20.28 25.40 0.50
CA SER B 2 20.43 24.52 1.66
C SER B 2 19.12 23.80 1.92
N GLU B 3 19.21 22.59 2.44
CA GLU B 3 18.03 21.81 2.76
C GLU B 3 17.36 22.48 3.96
N GLU B 4 16.04 22.59 3.93
CA GLU B 4 15.34 23.21 5.03
C GLU B 4 13.97 22.59 5.28
N CYS B 5 13.53 22.66 6.53
CA CYS B 5 12.24 22.14 6.95
C CYS B 5 11.78 23.03 8.09
N ILE B 6 10.61 23.63 7.94
CA ILE B 6 10.08 24.51 8.97
C ILE B 6 8.71 24.05 9.42
N GLU B 7 8.41 24.27 10.69
CA GLU B 7 7.12 23.89 11.25
C GLU B 7 6.26 25.13 11.32
N ASN B 8 5.22 25.16 10.50
CA ASN B 8 4.30 26.30 10.44
C ASN B 8 3.23 26.27 11.51
N PRO B 9 2.61 27.42 11.77
CA PRO B 9 1.55 27.45 12.77
C PRO B 9 0.41 26.71 12.06
N GLU B 10 -0.71 26.49 12.74
CA GLU B 10 -1.80 25.74 12.11
C GLU B 10 -2.43 26.34 10.85
N ARG B 11 -2.37 27.65 10.68
CA ARG B 11 -2.94 28.29 9.51
C ARG B 11 -2.12 29.47 8.98
N ILE B 12 -1.81 29.43 7.68
CA ILE B 12 -1.05 30.50 7.04
C ILE B 12 -1.64 30.76 5.66
N LYS B 13 -1.10 31.78 5.00
CA LYS B 13 -1.51 32.14 3.64
C LYS B 13 -0.22 32.09 2.83
N ILE B 14 -0.25 31.40 1.71
CA ILE B 14 0.92 31.32 0.87
C ILE B 14 0.78 32.40 -0.15
N GLY B 15 1.85 32.68 -0.88
CA GLY B 15 1.71 33.73 -1.88
C GLY B 15 2.00 33.26 -3.32
N THR B 16 2.30 34.15 -4.23
CA THR B 16 2.69 33.86 -5.59
C THR B 16 4.05 34.54 -5.73
N ASP B 17 4.60 34.82 -4.54
CA ASP B 17 5.89 35.47 -4.34
C ASP B 17 6.85 35.56 -5.55
N LEU B 18 7.35 34.41 -5.97
CA LEU B 18 8.27 34.34 -7.09
C LEU B 18 7.95 33.08 -7.88
N ILE B 19 7.81 31.99 -7.12
CA ILE B 19 7.51 30.66 -7.62
C ILE B 19 6.69 30.62 -8.90
N ASN B 20 6.71 29.47 -9.56
CA ASN B 20 5.97 29.27 -10.79
C ASN B 20 5.02 28.07 -10.69
N ILE B 21 3.74 28.35 -10.89
CA ILE B 21 2.71 27.35 -10.82
C ILE B 21 2.49 26.74 -12.20
N ARG B 22 2.77 25.45 -12.30
CA ARG B 22 2.63 24.76 -13.56
C ARG B 22 1.30 24.02 -13.71
N ASN B 23 0.62 23.80 -12.59
CA ASN B 23 -0.65 23.12 -12.58
C ASN B 23 -1.49 23.47 -11.36
N LYS B 24 -2.79 23.72 -11.56
CA LYS B 24 -3.73 24.01 -10.46
C LYS B 24 -4.83 22.95 -10.45
N MET B 25 -5.22 22.53 -9.26
CA MET B 25 -6.27 21.54 -9.14
C MET B 25 -7.02 21.66 -7.81
N ASN B 26 -8.31 21.38 -7.83
CA ASN B 26 -9.13 21.45 -6.62
C ASN B 26 -9.40 20.00 -6.20
N LEU B 27 -9.25 19.72 -4.91
CA LEU B 27 -9.47 18.36 -4.40
C LEU B 27 -10.84 17.78 -4.75
N LYS B 28 -11.87 18.61 -4.73
CA LYS B 28 -13.22 18.14 -5.06
C LYS B 28 -13.35 17.61 -6.47
N GLU B 29 -12.57 18.18 -7.38
CA GLU B 29 -12.61 17.77 -8.79
C GLU B 29 -12.13 16.35 -9.00
N LEU B 30 -11.44 15.79 -8.01
CA LEU B 30 -10.96 14.41 -8.10
C LEU B 30 -12.14 13.46 -8.00
N ILE B 31 -13.19 13.92 -7.33
CA ILE B 31 -14.40 13.13 -7.13
C ILE B 31 -15.55 13.60 -8.01
N HIS B 32 -15.66 14.91 -8.17
CA HIS B 32 -16.74 15.49 -8.98
C HIS B 32 -16.17 16.00 -10.30
N PRO B 33 -16.27 15.18 -11.36
CA PRO B 33 -15.78 15.50 -12.71
C PRO B 33 -16.32 16.83 -13.22
N ASN B 34 -15.53 17.50 -14.06
CA ASN B 34 -15.95 18.78 -14.64
C ASN B 34 -16.93 18.51 -15.78
N GLU B 35 -17.84 19.45 -16.00
CA GLU B 35 -18.86 19.30 -17.03
C GLU B 35 -18.38 19.00 -18.45
N ASP B 36 -17.22 19.54 -18.83
CA ASP B 36 -16.70 19.34 -20.19
C ASP B 36 -15.89 18.07 -20.42
N GLU B 37 -15.54 17.34 -19.37
CA GLU B 37 -14.74 16.14 -19.54
C GLU B 37 -15.51 14.84 -19.38
N ASN B 38 -14.96 13.76 -19.90
CA ASN B 38 -15.59 12.45 -19.78
C ASN B 38 -15.27 11.95 -18.38
N SER B 39 -16.02 10.98 -17.90
CA SER B 39 -15.79 10.45 -16.57
C SER B 39 -16.11 8.96 -16.45
N THR B 40 -15.44 8.30 -15.52
CA THR B 40 -15.65 6.88 -15.32
C THR B 40 -15.41 6.49 -13.87
N LEU B 41 -16.25 5.59 -13.38
CA LEU B 41 -16.10 5.06 -12.03
C LEU B 41 -15.63 3.62 -12.24
N LEU B 42 -14.40 3.35 -11.83
CA LEU B 42 -13.84 2.01 -12.00
C LEU B 42 -13.87 1.23 -10.69
N ILE B 43 -14.49 0.06 -10.73
CA ILE B 43 -14.57 -0.79 -9.55
C ILE B 43 -13.65 -1.99 -9.73
N LEU B 44 -12.66 -2.09 -8.85
CA LEU B 44 -11.71 -3.20 -8.91
C LEU B 44 -12.16 -4.34 -7.99
N ASN B 45 -11.54 -5.50 -8.16
CA ASN B 45 -11.92 -6.68 -7.37
C ASN B 45 -11.48 -6.70 -5.91
N GLN B 46 -12.25 -6.01 -5.08
CA GLN B 46 -12.03 -5.94 -3.65
C GLN B 46 -13.39 -5.62 -3.02
N LYS B 47 -13.62 -6.11 -1.81
CA LYS B 47 -14.88 -5.86 -1.13
C LYS B 47 -15.14 -4.36 -1.05
N ILE B 48 -16.35 -3.96 -1.45
CA ILE B 48 -16.74 -2.56 -1.40
C ILE B 48 -17.17 -2.23 0.02
N ASP B 49 -16.67 -1.13 0.57
CA ASP B 49 -17.02 -0.73 1.94
C ASP B 49 -17.46 0.72 2.04
N ILE B 50 -17.37 1.45 0.94
CA ILE B 50 -17.77 2.86 0.91
C ILE B 50 -19.22 3.03 1.36
N PRO B 51 -19.50 4.13 2.09
CA PRO B 51 -20.86 4.39 2.55
C PRO B 51 -21.82 4.49 1.37
N ARG B 52 -23.05 3.98 1.55
CA ARG B 52 -24.04 4.01 0.49
C ARG B 52 -24.40 5.38 -0.06
N PRO B 53 -24.74 6.34 0.82
CA PRO B 53 -25.09 7.68 0.35
C PRO B 53 -24.01 8.25 -0.57
N LEU B 54 -22.76 8.03 -0.19
CA LEU B 54 -21.62 8.51 -0.98
C LEU B 54 -21.54 7.77 -2.30
N PHE B 55 -21.71 6.45 -2.24
CA PHE B 55 -21.66 5.61 -3.44
C PHE B 55 -22.67 6.09 -4.47
N TYR B 56 -23.90 6.31 -4.03
CA TYR B 56 -24.97 6.77 -4.91
C TYR B 56 -24.57 8.07 -5.61
N LYS B 57 -23.96 8.97 -4.84
CA LYS B 57 -23.54 10.27 -5.38
C LYS B 57 -22.41 10.16 -6.39
N ILE B 58 -21.37 9.41 -6.03
CA ILE B 58 -20.22 9.23 -6.92
C ILE B 58 -20.66 8.52 -8.20
N TRP B 59 -21.62 7.62 -8.07
CA TRP B 59 -22.12 6.89 -9.23
C TRP B 59 -22.84 7.87 -10.17
N LYS B 60 -23.66 8.73 -9.58
CA LYS B 60 -24.41 9.71 -10.35
C LYS B 60 -23.48 10.76 -10.97
N LEU B 61 -22.36 11.03 -10.31
CA LEU B 61 -21.40 12.02 -10.79
C LEU B 61 -20.49 11.52 -11.92
N HIS B 62 -20.53 10.22 -12.19
CA HIS B 62 -19.69 9.67 -13.25
C HIS B 62 -20.55 9.04 -14.35
N ASP B 63 -20.08 9.16 -15.58
CA ASP B 63 -20.80 8.63 -16.74
C ASP B 63 -20.67 7.12 -16.90
N LEU B 64 -19.48 6.65 -17.24
CA LEU B 64 -19.25 5.23 -17.44
C LEU B 64 -18.88 4.51 -16.15
N LYS B 65 -19.35 3.27 -16.01
CA LYS B 65 -19.04 2.45 -14.85
C LYS B 65 -18.48 1.12 -15.35
N VAL B 66 -17.28 0.78 -14.90
CA VAL B 66 -16.64 -0.45 -15.33
C VAL B 66 -16.26 -1.34 -14.15
N CYS B 67 -16.51 -2.63 -14.31
CA CYS B 67 -16.17 -3.62 -13.28
C CYS B 67 -15.05 -4.49 -13.79
N ALA B 68 -13.99 -4.61 -12.99
CA ALA B 68 -12.85 -5.44 -13.36
C ALA B 68 -13.07 -6.87 -12.89
N ASP B 69 -13.46 -7.74 -13.82
CA ASP B 69 -13.69 -9.16 -13.55
C ASP B 69 -14.47 -9.42 -12.27
N GLY B 70 -13.77 -9.91 -11.24
CA GLY B 70 -14.41 -10.22 -9.97
C GLY B 70 -15.15 -9.06 -9.32
N ALA B 71 -14.84 -7.84 -9.73
CA ALA B 71 -15.50 -6.66 -9.19
C ALA B 71 -17.01 -6.75 -9.36
N ALA B 72 -17.44 -7.52 -10.34
CA ALA B 72 -18.87 -7.69 -10.60
C ALA B 72 -19.51 -8.39 -9.41
N ASN B 73 -18.80 -9.35 -8.83
CA ASN B 73 -19.31 -10.07 -7.66
C ASN B 73 -19.41 -9.08 -6.51
N ARG B 74 -18.36 -8.27 -6.36
CA ARG B 74 -18.30 -7.27 -5.30
C ARG B 74 -19.48 -6.32 -5.35
N LEU B 75 -19.78 -5.82 -6.54
CA LEU B 75 -20.90 -4.89 -6.71
C LEU B 75 -22.21 -5.61 -6.44
N TYR B 76 -22.35 -6.81 -6.99
CA TYR B 76 -23.55 -7.63 -6.84
C TYR B 76 -23.87 -7.82 -5.36
N ASP B 77 -22.88 -8.22 -4.57
CA ASP B 77 -23.07 -8.44 -3.15
C ASP B 77 -23.25 -7.13 -2.38
N TYR B 78 -22.46 -6.12 -2.76
CA TYR B 78 -22.54 -4.82 -2.11
C TYR B 78 -23.99 -4.36 -2.01
N LEU B 79 -24.77 -4.67 -3.03
CA LEU B 79 -26.18 -4.27 -3.06
C LEU B 79 -27.10 -5.46 -2.80
N ASP B 80 -26.65 -6.35 -1.92
CA ASP B 80 -27.40 -7.55 -1.54
C ASP B 80 -28.87 -7.31 -1.30
N ASP B 81 -29.16 -6.22 -0.61
CA ASP B 81 -30.52 -5.92 -0.19
C ASP B 81 -31.61 -5.48 -1.21
N ASP B 82 -31.61 -4.23 -1.64
CA ASP B 82 -32.66 -3.80 -2.57
C ASP B 82 -32.40 -4.09 -4.05
N GLU B 83 -33.28 -4.90 -4.64
CA GLU B 83 -33.18 -5.26 -6.05
C GLU B 83 -33.39 -4.02 -6.91
N THR B 84 -34.25 -3.11 -6.45
CA THR B 84 -34.53 -1.88 -7.17
C THR B 84 -33.24 -1.10 -7.39
N LEU B 85 -32.45 -0.98 -6.34
CA LEU B 85 -31.19 -0.26 -6.41
C LEU B 85 -30.16 -1.04 -7.23
N ARG B 86 -30.10 -2.35 -7.02
CA ARG B 86 -29.16 -3.18 -7.74
C ARG B 86 -29.36 -3.01 -9.25
N ILE B 87 -30.63 -3.02 -9.68
CA ILE B 87 -30.96 -2.85 -11.08
C ILE B 87 -30.64 -1.42 -11.51
N LYS B 88 -30.73 -0.49 -10.57
CA LYS B 88 -30.46 0.92 -10.85
C LYS B 88 -28.97 1.15 -11.04
N TYR B 89 -28.15 0.32 -10.41
CA TYR B 89 -26.70 0.48 -10.51
C TYR B 89 -25.98 -0.62 -11.28
N LEU B 90 -26.40 -0.81 -12.53
CA LEU B 90 -25.78 -1.81 -13.40
C LEU B 90 -24.55 -1.18 -14.04
N PRO B 91 -23.43 -1.93 -14.09
CA PRO B 91 -22.22 -1.40 -14.70
C PRO B 91 -22.36 -1.43 -16.22
N ASN B 92 -21.62 -0.58 -16.92
CA ASN B 92 -21.69 -0.55 -18.37
C ASN B 92 -20.91 -1.72 -18.95
N TYR B 93 -19.75 -1.99 -18.36
CA TYR B 93 -18.91 -3.10 -18.82
C TYR B 93 -18.37 -3.95 -17.67
N ILE B 94 -18.04 -5.20 -18.01
CA ILE B 94 -17.42 -6.14 -17.10
C ILE B 94 -16.36 -6.76 -18.00
N ILE B 95 -15.10 -6.65 -17.60
CA ILE B 95 -14.03 -7.20 -18.43
C ILE B 95 -12.95 -7.90 -17.61
N GLY B 96 -12.42 -8.98 -18.18
CA GLY B 96 -11.40 -9.77 -17.52
C GLY B 96 -11.47 -11.20 -18.05
N ASP B 97 -10.73 -12.12 -17.44
CA ASP B 97 -10.77 -13.51 -17.91
C ASP B 97 -12.09 -14.16 -17.49
N LEU B 98 -12.75 -13.56 -16.51
CA LEU B 98 -14.06 -14.00 -16.02
C LEU B 98 -14.15 -15.32 -15.25
N ASP B 99 -13.03 -15.94 -14.92
CA ASP B 99 -13.09 -17.20 -14.17
C ASP B 99 -13.58 -17.01 -12.74
N SER B 100 -13.19 -15.91 -12.11
CA SER B 100 -13.60 -15.63 -10.73
C SER B 100 -15.05 -15.15 -10.66
N LEU B 101 -15.64 -14.90 -11.83
CA LEU B 101 -17.00 -14.42 -11.90
C LEU B 101 -18.01 -15.49 -11.47
N SER B 102 -18.82 -15.16 -10.47
CA SER B 102 -19.83 -16.09 -9.96
C SER B 102 -20.80 -16.45 -11.09
N GLU B 103 -21.14 -17.73 -11.21
CA GLU B 103 -22.06 -18.16 -12.24
C GLU B 103 -23.37 -17.39 -12.09
N LYS B 104 -23.79 -17.21 -10.83
CA LYS B 104 -25.00 -16.49 -10.52
C LYS B 104 -24.87 -15.02 -10.91
N VAL B 105 -23.73 -14.42 -10.60
CA VAL B 105 -23.48 -13.02 -10.93
C VAL B 105 -23.39 -12.82 -12.44
N TYR B 106 -22.73 -13.73 -13.13
CA TYR B 106 -22.60 -13.64 -14.58
C TYR B 106 -23.97 -13.63 -15.26
N LYS B 107 -24.80 -14.58 -14.88
CA LYS B 107 -26.14 -14.68 -15.46
C LYS B 107 -26.98 -13.44 -15.21
N TYR B 108 -26.89 -12.89 -14.00
CA TYR B 108 -27.65 -11.70 -13.64
C TYR B 108 -27.32 -10.48 -14.51
N TYR B 109 -26.02 -10.19 -14.65
CA TYR B 109 -25.60 -9.04 -15.44
C TYR B 109 -25.75 -9.26 -16.94
N ARG B 110 -25.61 -10.50 -17.38
CA ARG B 110 -25.75 -10.77 -18.81
C ARG B 110 -27.21 -10.57 -19.18
N LYS B 111 -28.10 -11.09 -18.33
CA LYS B 111 -29.53 -10.98 -18.57
C LYS B 111 -29.92 -9.50 -18.62
N ASN B 112 -29.28 -8.69 -17.78
CA ASN B 112 -29.58 -7.25 -17.73
C ASN B 112 -28.79 -6.43 -18.74
N LYS B 113 -28.36 -7.10 -19.82
CA LYS B 113 -27.63 -6.49 -20.92
C LYS B 113 -26.32 -5.75 -20.65
N VAL B 114 -25.59 -6.14 -19.62
CA VAL B 114 -24.31 -5.51 -19.36
C VAL B 114 -23.34 -6.04 -20.41
N THR B 115 -22.53 -5.17 -20.98
CA THR B 115 -21.57 -5.61 -21.98
C THR B 115 -20.41 -6.31 -21.28
N ILE B 116 -20.39 -7.63 -21.39
CA ILE B 116 -19.34 -8.43 -20.76
C ILE B 116 -18.31 -8.85 -21.79
N ILE B 117 -17.05 -8.51 -21.53
CA ILE B 117 -15.96 -8.81 -22.43
C ILE B 117 -14.91 -9.72 -21.78
N LYS B 118 -14.62 -10.83 -22.44
CA LYS B 118 -13.65 -11.79 -21.94
C LYS B 118 -12.29 -11.58 -22.58
N GLN B 119 -11.25 -11.55 -21.75
CA GLN B 119 -9.87 -11.39 -22.19
C GLN B 119 -9.04 -12.36 -21.36
N THR B 120 -8.44 -13.34 -22.02
CA THR B 120 -7.68 -14.39 -21.32
C THR B 120 -6.19 -14.15 -21.07
N THR B 121 -5.60 -13.16 -21.73
CA THR B 121 -4.17 -12.91 -21.54
C THR B 121 -3.76 -12.75 -20.09
N GLN B 122 -2.71 -13.45 -19.70
CA GLN B 122 -2.19 -13.38 -18.34
C GLN B 122 -0.96 -12.50 -18.32
N TYR B 123 -0.80 -11.66 -19.33
CA TYR B 123 0.34 -10.76 -19.41
C TYR B 123 -0.04 -9.30 -19.23
N SER B 124 -1.27 -9.09 -18.77
CA SER B 124 -1.78 -7.76 -18.49
C SER B 124 -2.75 -7.91 -17.33
N THR B 125 -2.83 -6.89 -16.49
CA THR B 125 -3.72 -6.92 -15.33
C THR B 125 -5.13 -6.56 -15.76
N ASP B 126 -6.10 -6.83 -14.90
CA ASP B 126 -7.48 -6.48 -15.21
C ASP B 126 -7.57 -4.97 -15.28
N PHE B 127 -6.72 -4.30 -14.50
CA PHE B 127 -6.71 -2.84 -14.48
C PHE B 127 -6.34 -2.31 -15.87
N THR B 128 -5.28 -2.85 -16.45
CA THR B 128 -4.85 -2.43 -17.78
C THR B 128 -5.93 -2.76 -18.81
N LYS B 129 -6.59 -3.90 -18.63
CA LYS B 129 -7.65 -4.29 -19.55
C LYS B 129 -8.78 -3.26 -19.47
N CYS B 130 -9.04 -2.78 -18.26
CA CYS B 130 -10.09 -1.80 -18.04
C CYS B 130 -9.80 -0.43 -18.64
N VAL B 131 -8.61 0.12 -18.36
CA VAL B 131 -8.27 1.43 -18.89
C VAL B 131 -8.19 1.44 -20.41
N ASN B 132 -7.73 0.33 -20.99
CA ASN B 132 -7.65 0.24 -22.45
C ASN B 132 -9.08 0.29 -22.97
N LEU B 133 -9.96 -0.46 -22.31
CA LEU B 133 -11.37 -0.52 -22.67
C LEU B 133 -12.02 0.85 -22.53
N ILE B 134 -11.75 1.52 -21.41
CA ILE B 134 -12.31 2.84 -21.15
C ILE B 134 -11.92 3.84 -22.23
N SER B 135 -10.65 3.85 -22.62
CA SER B 135 -10.19 4.76 -23.64
C SER B 135 -10.87 4.45 -24.98
N LEU B 136 -10.98 3.18 -25.32
CA LEU B 136 -11.63 2.77 -26.55
C LEU B 136 -13.09 3.24 -26.55
N HIS B 137 -13.76 3.05 -25.42
CA HIS B 137 -15.16 3.44 -25.28
C HIS B 137 -15.37 4.92 -25.63
N PHE B 138 -14.52 5.79 -25.08
CA PHE B 138 -14.64 7.21 -25.31
C PHE B 138 -13.94 7.76 -26.55
N ASN B 139 -12.85 7.12 -26.97
CA ASN B 139 -12.10 7.65 -28.10
C ASN B 139 -12.09 6.89 -29.43
N SER B 140 -12.77 5.75 -29.47
CA SER B 140 -12.83 4.98 -30.71
C SER B 140 -14.26 4.73 -31.16
N PRO B 141 -14.78 5.59 -32.05
CA PRO B 141 -16.16 5.41 -32.53
C PRO B 141 -16.36 4.05 -33.18
N GLU B 142 -15.28 3.52 -33.76
CA GLU B 142 -15.34 2.21 -34.40
C GLU B 142 -15.54 1.11 -33.37
N PHE B 143 -14.91 1.25 -32.22
CA PHE B 143 -15.05 0.26 -31.16
C PHE B 143 -16.52 0.24 -30.72
N ARG B 144 -17.06 1.42 -30.51
CA ARG B 144 -18.45 1.55 -30.09
C ARG B 144 -19.37 0.90 -31.11
N SER B 145 -19.05 1.06 -32.38
CA SER B 145 -19.85 0.46 -33.45
C SER B 145 -19.74 -1.06 -33.39
N LEU B 146 -18.53 -1.54 -33.14
CA LEU B 146 -18.28 -2.98 -33.05
C LEU B 146 -19.18 -3.65 -32.01
N ILE B 147 -19.27 -3.04 -30.83
CA ILE B 147 -20.07 -3.60 -29.75
C ILE B 147 -21.55 -3.22 -29.81
N SER B 148 -21.91 -2.29 -30.70
CA SER B 148 -23.29 -1.85 -30.82
C SER B 148 -24.02 -2.39 -32.05
N ASN B 149 -23.31 -2.50 -33.17
CA ASN B 149 -23.92 -3.00 -34.41
C ASN B 149 -24.63 -4.32 -34.13
N LYS B 150 -25.86 -4.44 -34.64
CA LYS B 150 -26.65 -5.64 -34.44
C LYS B 150 -26.37 -6.74 -35.45
N ASP B 151 -25.62 -6.40 -36.50
CA ASP B 151 -25.25 -7.38 -37.51
C ASP B 151 -24.10 -8.20 -36.93
N ASN B 152 -23.42 -7.63 -35.94
CA ASN B 152 -22.30 -8.30 -35.28
C ASN B 152 -22.80 -9.42 -34.37
N LEU B 153 -22.73 -10.64 -34.88
CA LEU B 153 -23.19 -11.82 -34.15
C LEU B 153 -22.00 -12.62 -33.64
N GLN B 154 -20.80 -12.09 -33.81
CA GLN B 154 -19.59 -12.77 -33.35
C GLN B 154 -19.53 -12.81 -31.83
N SER B 155 -19.03 -13.93 -31.30
CA SER B 155 -18.93 -14.09 -29.86
C SER B 155 -17.98 -13.06 -29.26
N ASN B 156 -18.18 -12.76 -27.98
CA ASN B 156 -17.35 -11.80 -27.26
C ASN B 156 -17.40 -10.42 -27.91
N HIS B 157 -18.54 -10.10 -28.51
CA HIS B 157 -18.74 -8.81 -29.16
C HIS B 157 -17.73 -8.52 -30.26
N GLY B 158 -17.20 -9.57 -30.88
CA GLY B 158 -16.23 -9.40 -31.96
C GLY B 158 -14.84 -9.02 -31.51
N ILE B 159 -14.57 -9.14 -30.21
CA ILE B 159 -13.26 -8.80 -29.67
C ILE B 159 -12.42 -10.06 -29.51
N GLU B 160 -11.23 -10.05 -30.09
CA GLU B 160 -10.33 -11.21 -30.01
C GLU B 160 -10.14 -11.60 -28.54
N LEU B 161 -10.44 -12.86 -28.24
CA LEU B 161 -10.37 -13.40 -26.89
C LEU B 161 -9.10 -13.25 -26.05
N GLU B 162 -7.93 -13.44 -26.65
CA GLU B 162 -6.70 -13.33 -25.86
C GLU B 162 -6.32 -11.92 -25.43
N LYS B 163 -6.14 -11.03 -26.39
CA LYS B 163 -5.74 -9.66 -26.09
C LYS B 163 -6.35 -8.63 -27.03
N GLY B 164 -7.54 -8.93 -27.55
CA GLY B 164 -8.20 -8.03 -28.47
C GLY B 164 -8.30 -6.58 -28.02
N ILE B 165 -8.71 -6.35 -26.77
CA ILE B 165 -8.84 -5.00 -26.26
C ILE B 165 -7.52 -4.23 -26.33
N HIS B 166 -6.42 -4.90 -26.06
CA HIS B 166 -5.11 -4.24 -26.12
C HIS B 166 -4.73 -3.97 -27.56
N THR B 167 -4.98 -4.94 -28.44
CA THR B 167 -4.66 -4.79 -29.86
C THR B 167 -5.42 -3.61 -30.43
N LEU B 168 -6.72 -3.55 -30.13
CA LEU B 168 -7.57 -2.47 -30.62
C LEU B 168 -7.13 -1.14 -30.02
N TYR B 169 -6.75 -1.16 -28.74
CA TYR B 169 -6.29 0.04 -28.05
C TYR B 169 -5.01 0.57 -28.70
N ASN B 170 -4.05 -0.32 -28.92
CA ASN B 170 -2.78 0.06 -29.54
C ASN B 170 -2.99 0.68 -30.92
N THR B 171 -3.86 0.07 -31.71
CA THR B 171 -4.14 0.56 -33.06
C THR B 171 -4.74 1.96 -32.99
N MET B 172 -5.72 2.14 -32.11
CA MET B 172 -6.36 3.45 -31.95
C MET B 172 -5.35 4.51 -31.54
N THR B 173 -4.56 4.20 -30.53
CA THR B 173 -3.56 5.12 -30.01
C THR B 173 -2.62 5.64 -31.09
N GLU B 174 -2.41 4.84 -32.14
CA GLU B 174 -1.52 5.25 -33.24
C GLU B 174 -2.04 6.43 -34.05
N SER B 175 -3.37 6.56 -34.13
CA SER B 175 -3.97 7.65 -34.88
C SER B 175 -4.63 8.68 -33.98
N LEU B 176 -4.39 8.54 -32.68
CA LEU B 176 -4.97 9.45 -31.70
C LEU B 176 -4.11 10.69 -31.50
N VAL B 177 -4.74 11.86 -31.54
CA VAL B 177 -4.04 13.12 -31.31
C VAL B 177 -4.27 13.47 -29.85
N PHE B 178 -3.37 12.97 -29.00
CA PHE B 178 -3.46 13.18 -27.55
C PHE B 178 -3.80 14.60 -27.09
N SER B 179 -3.19 15.61 -27.68
CA SER B 179 -3.46 16.98 -27.29
C SER B 179 -4.91 17.39 -27.51
N LYS B 180 -5.64 16.62 -28.31
CA LYS B 180 -7.03 16.92 -28.59
C LYS B 180 -8.02 15.90 -28.01
N VAL B 181 -7.51 14.98 -27.21
CA VAL B 181 -8.37 13.97 -26.59
C VAL B 181 -9.08 14.56 -25.38
N THR B 182 -10.39 14.36 -25.31
CA THR B 182 -11.17 14.86 -24.19
C THR B 182 -10.69 14.16 -22.93
N PRO B 183 -10.41 14.92 -21.86
CA PRO B 183 -9.95 14.32 -20.60
C PRO B 183 -10.94 13.31 -20.03
N ILE B 184 -10.42 12.33 -19.30
CA ILE B 184 -11.26 11.32 -18.68
C ILE B 184 -11.01 11.30 -17.19
N SER B 185 -11.96 11.80 -16.42
CA SER B 185 -11.84 11.82 -14.97
C SER B 185 -12.15 10.40 -14.48
N LEU B 186 -11.13 9.72 -13.97
CA LEU B 186 -11.28 8.34 -13.52
C LEU B 186 -11.14 8.18 -12.00
N LEU B 187 -12.20 7.70 -11.37
CA LEU B 187 -12.21 7.47 -9.93
C LEU B 187 -12.26 5.96 -9.73
N ALA B 188 -11.29 5.41 -9.00
CA ALA B 188 -11.24 3.98 -8.78
C ALA B 188 -11.50 3.53 -7.35
N LEU B 189 -12.26 2.44 -7.22
CA LEU B 189 -12.60 1.86 -5.93
C LEU B 189 -12.01 0.45 -5.84
N GLY B 190 -11.49 0.10 -4.67
CA GLY B 190 -10.93 -1.22 -4.45
C GLY B 190 -9.56 -1.56 -5.00
N GLY B 191 -8.77 -0.55 -5.37
CA GLY B 191 -7.44 -0.83 -5.89
C GLY B 191 -6.35 -0.74 -4.85
N ILE B 192 -6.72 -0.34 -3.63
CA ILE B 192 -5.77 -0.18 -2.54
C ILE B 192 -6.23 -0.88 -1.27
N GLY B 193 -5.30 -1.49 -0.54
CA GLY B 193 -5.66 -2.13 0.72
C GLY B 193 -5.86 -3.63 0.76
N GLY B 194 -5.80 -4.30 -0.39
CA GLY B 194 -5.97 -5.74 -0.41
C GLY B 194 -4.64 -6.43 -0.64
N ARG B 195 -4.61 -7.38 -1.57
CA ARG B 195 -3.38 -8.09 -1.90
C ARG B 195 -2.36 -6.99 -2.17
N PHE B 196 -1.22 -7.04 -1.50
CA PHE B 196 -0.22 -6.00 -1.66
C PHE B 196 0.35 -5.78 -3.05
N ASP B 197 0.62 -6.83 -3.80
CA ASP B 197 1.19 -6.64 -5.12
C ASP B 197 0.20 -5.91 -6.02
N GLN B 198 -1.07 -5.96 -5.66
CA GLN B 198 -2.08 -5.29 -6.46
C GLN B 198 -2.13 -3.82 -6.07
N THR B 199 -1.84 -3.54 -4.81
CA THR B 199 -1.81 -2.17 -4.34
C THR B 199 -0.69 -1.49 -5.11
N VAL B 200 0.45 -2.19 -5.21
CA VAL B 200 1.59 -1.64 -5.93
C VAL B 200 1.27 -1.44 -7.40
N HIS B 201 0.59 -2.40 -8.02
CA HIS B 201 0.23 -2.25 -9.43
C HIS B 201 -0.66 -1.02 -9.59
N SER B 202 -1.61 -0.85 -8.67
CA SER B 202 -2.50 0.30 -8.73
C SER B 202 -1.68 1.58 -8.75
N ILE B 203 -0.58 1.60 -8.01
CA ILE B 203 0.27 2.78 -7.97
C ILE B 203 1.00 2.99 -9.30
N THR B 204 1.43 1.90 -9.94
CA THR B 204 2.12 2.03 -11.22
C THR B 204 1.23 2.71 -12.24
N GLN B 205 -0.08 2.43 -12.18
CA GLN B 205 -1.04 3.02 -13.11
C GLN B 205 -0.99 4.55 -13.08
N LEU B 206 -0.82 5.12 -11.89
CA LEU B 206 -0.76 6.57 -11.77
C LEU B 206 0.41 7.11 -12.59
N TYR B 207 1.53 6.42 -12.54
CA TYR B 207 2.72 6.82 -13.30
C TYR B 207 2.60 6.52 -14.79
N THR B 208 2.22 5.30 -15.13
CA THR B 208 2.12 4.90 -16.53
C THR B 208 1.05 5.65 -17.34
N LEU B 209 -0.13 5.85 -16.75
CA LEU B 209 -1.17 6.58 -17.45
C LEU B 209 -0.73 8.02 -17.69
N SER B 210 -0.08 8.60 -16.68
CA SER B 210 0.41 9.96 -16.78
C SER B 210 1.40 10.11 -17.92
N GLU B 211 2.15 9.03 -18.18
CA GLU B 211 3.15 9.03 -19.22
C GLU B 211 2.69 8.55 -20.60
N ASN B 212 1.82 7.54 -20.64
CA ASN B 212 1.38 6.98 -21.91
C ASN B 212 -0.08 7.24 -22.30
N ALA B 213 -0.85 7.82 -21.40
CA ALA B 213 -2.26 8.14 -21.67
C ALA B 213 -2.63 9.32 -20.78
N SER B 214 -1.88 10.41 -20.97
CA SER B 214 -2.05 11.63 -20.19
C SER B 214 -3.45 12.23 -20.13
N TYR B 215 -4.34 11.82 -21.03
CA TYR B 215 -5.70 12.36 -20.99
C TYR B 215 -6.47 11.83 -19.79
N PHE B 216 -5.96 10.74 -19.20
CA PHE B 216 -6.59 10.15 -18.02
C PHE B 216 -6.21 10.96 -16.78
N LYS B 217 -7.14 11.05 -15.85
CA LYS B 217 -6.91 11.75 -14.59
C LYS B 217 -7.39 10.76 -13.53
N LEU B 218 -6.49 9.89 -13.10
CA LEU B 218 -6.81 8.85 -12.14
C LEU B 218 -6.64 9.22 -10.67
N CYS B 219 -7.60 8.77 -9.87
CA CYS B 219 -7.57 9.02 -8.43
C CYS B 219 -8.22 7.84 -7.72
N TYR B 220 -7.58 7.36 -6.66
CA TYR B 220 -8.12 6.26 -5.90
C TYR B 220 -8.84 6.77 -4.67
N MET B 221 -9.98 6.18 -4.38
CA MET B 221 -10.74 6.54 -3.19
C MET B 221 -10.80 5.28 -2.35
N THR B 222 -10.26 5.35 -1.15
CA THR B 222 -10.25 4.22 -0.25
C THR B 222 -11.02 4.62 0.99
N PRO B 223 -11.14 3.70 1.96
CA PRO B 223 -11.89 4.05 3.18
C PRO B 223 -11.24 5.19 3.97
N THR B 224 -9.98 5.49 3.66
CA THR B 224 -9.25 6.52 4.38
C THR B 224 -8.52 7.57 3.53
N ASP B 225 -8.33 7.31 2.25
CA ASP B 225 -7.59 8.24 1.42
C ASP B 225 -8.06 8.47 0.00
N LEU B 226 -7.50 9.53 -0.56
CA LEU B 226 -7.69 9.92 -1.95
C LEU B 226 -6.22 9.82 -2.35
N ILE B 227 -5.93 9.01 -3.35
CA ILE B 227 -4.56 8.83 -3.78
C ILE B 227 -4.45 9.20 -5.25
N PHE B 228 -3.56 10.14 -5.56
CA PHE B 228 -3.40 10.60 -6.93
C PHE B 228 -1.98 11.11 -7.20
N LEU B 229 -1.70 11.41 -8.46
CA LEU B 229 -0.38 11.88 -8.84
C LEU B 229 -0.27 13.39 -8.92
N ILE B 230 0.87 13.89 -8.44
CA ILE B 230 1.17 15.31 -8.45
C ILE B 230 2.27 15.54 -9.49
N LYS B 231 1.95 16.31 -10.53
CA LYS B 231 2.94 16.59 -11.57
C LYS B 231 4.09 17.44 -11.04
N LYS B 232 5.27 17.20 -11.60
CA LYS B 232 6.49 17.90 -11.23
C LYS B 232 6.47 19.39 -11.56
N ASN B 233 7.45 20.10 -11.03
CA ASN B 233 7.64 21.53 -11.28
C ASN B 233 6.61 22.53 -10.76
N GLY B 234 5.83 22.16 -9.76
CA GLY B 234 4.88 23.09 -9.20
C GLY B 234 3.41 22.84 -9.44
N THR B 235 2.72 22.32 -8.42
CA THR B 235 1.29 22.05 -8.50
C THR B 235 0.61 22.72 -7.32
N LEU B 236 -0.44 23.48 -7.61
CA LEU B 236 -1.19 24.16 -6.56
C LEU B 236 -2.47 23.41 -6.25
N ILE B 237 -2.56 22.89 -5.03
CA ILE B 237 -3.74 22.15 -4.59
C ILE B 237 -4.70 23.16 -3.94
N GLU B 238 -5.90 23.24 -4.47
CA GLU B 238 -6.89 24.17 -3.94
C GLU B 238 -8.02 23.46 -3.19
N TYR B 239 -8.58 24.14 -2.20
CA TYR B 239 -9.68 23.60 -1.42
C TYR B 239 -10.45 24.67 -0.67
N ASP B 240 -11.76 24.46 -0.56
CA ASP B 240 -12.60 25.38 0.17
C ASP B 240 -12.33 25.11 1.65
N PRO B 241 -12.08 26.17 2.43
CA PRO B 241 -11.79 26.00 3.86
C PRO B 241 -12.77 25.09 4.61
N GLN B 242 -14.07 25.33 4.43
CA GLN B 242 -15.07 24.51 5.12
C GLN B 242 -14.94 23.05 4.71
N PHE B 243 -14.70 22.80 3.43
CA PHE B 243 -14.55 21.44 2.93
C PHE B 243 -13.32 20.80 3.55
N ARG B 244 -12.20 21.53 3.53
CA ARG B 244 -10.95 21.02 4.08
C ARG B 244 -11.07 20.72 5.57
N ASN B 245 -11.71 21.61 6.32
CA ASN B 245 -11.87 21.42 7.76
C ASN B 245 -12.82 20.28 8.12
N THR B 246 -13.84 20.08 7.30
CA THR B 246 -14.82 19.04 7.56
C THR B 246 -14.47 17.65 7.04
N CYS B 247 -13.86 17.58 5.86
CA CYS B 247 -13.55 16.28 5.26
C CYS B 247 -12.09 15.89 5.08
N ILE B 248 -11.15 16.79 5.36
CA ILE B 248 -9.75 16.46 5.15
C ILE B 248 -8.92 16.31 6.42
N GLY B 249 -8.06 15.29 6.42
CA GLY B 249 -7.20 15.04 7.56
C GLY B 249 -5.76 15.35 7.20
N ASN B 250 -4.87 14.38 7.39
CA ASN B 250 -3.47 14.56 7.07
C ASN B 250 -3.20 14.25 5.60
N CYS B 251 -1.94 14.34 5.19
CA CYS B 251 -1.54 14.06 3.83
C CYS B 251 -0.10 13.62 3.80
N GLY B 252 0.32 13.03 2.69
CA GLY B 252 1.70 12.58 2.58
C GLY B 252 2.25 12.69 1.18
N LEU B 253 3.53 13.02 1.09
CA LEU B 253 4.21 13.15 -0.19
C LEU B 253 4.97 11.84 -0.36
N LEU B 254 4.50 11.00 -1.28
CA LEU B 254 5.09 9.68 -1.47
C LEU B 254 5.83 9.44 -2.78
N PRO B 255 7.17 9.34 -2.70
CA PRO B 255 7.99 9.10 -3.90
C PRO B 255 8.07 7.59 -4.17
N ILE B 256 6.92 6.99 -4.38
CA ILE B 256 6.83 5.56 -4.64
C ILE B 256 7.39 5.22 -6.02
N GLY B 257 8.34 4.29 -6.07
CA GLY B 257 8.91 3.90 -7.33
C GLY B 257 10.19 4.61 -7.74
N GLU B 258 10.35 5.86 -7.35
CA GLU B 258 11.56 6.60 -7.69
C GLU B 258 11.80 7.80 -6.79
N ALA B 259 13.03 7.94 -6.31
CA ALA B 259 13.40 9.05 -5.45
C ALA B 259 13.38 10.34 -6.24
N THR B 260 13.24 11.46 -5.56
CA THR B 260 13.21 12.75 -6.23
C THR B 260 13.60 13.85 -5.25
N LEU B 261 13.36 15.09 -5.64
CA LEU B 261 13.71 16.23 -4.83
C LEU B 261 12.49 17.13 -4.65
N VAL B 262 12.19 17.45 -3.39
CA VAL B 262 11.07 18.35 -3.12
C VAL B 262 11.69 19.74 -3.12
N LYS B 263 11.63 20.40 -4.27
CA LYS B 263 12.20 21.73 -4.41
C LYS B 263 11.63 22.71 -3.39
N GLU B 264 10.32 22.67 -3.20
CA GLU B 264 9.67 23.58 -2.27
C GLU B 264 8.18 23.29 -2.08
N THR B 265 7.70 23.53 -0.87
CA THR B 265 6.30 23.37 -0.54
C THR B 265 5.92 24.59 0.27
N ARG B 266 4.67 25.03 0.11
CA ARG B 266 4.15 26.17 0.85
C ARG B 266 2.73 25.79 1.24
N GLY B 267 2.44 25.83 2.53
CA GLY B 267 1.09 25.50 2.97
C GLY B 267 0.95 24.16 3.67
N LEU B 268 2.06 23.55 4.03
CA LEU B 268 2.05 22.28 4.75
C LEU B 268 2.54 22.55 6.16
N LYS B 269 1.97 21.86 7.15
CA LYS B 269 2.37 22.05 8.53
C LYS B 269 3.89 22.04 8.61
N TRP B 270 4.50 21.17 7.81
CA TRP B 270 5.95 21.07 7.73
C TRP B 270 6.35 21.31 6.28
N ASP B 271 6.75 22.55 5.98
CA ASP B 271 7.17 22.91 4.63
C ASP B 271 8.66 22.64 4.46
N VAL B 272 9.04 22.21 3.26
CA VAL B 272 10.43 21.90 2.97
C VAL B 272 10.95 22.61 1.73
N LYS B 273 12.27 22.65 1.59
CA LYS B 273 12.94 23.27 0.45
C LYS B 273 14.23 22.50 0.17
N ASN B 274 14.54 22.27 -1.10
CA ASN B 274 15.74 21.52 -1.48
C ASN B 274 15.83 20.32 -0.56
N TRP B 275 14.69 19.62 -0.45
CA TRP B 275 14.54 18.46 0.42
C TRP B 275 14.49 17.14 -0.34
N PRO B 276 15.58 16.36 -0.34
CA PRO B 276 15.59 15.08 -1.04
C PRO B 276 14.59 14.11 -0.40
N THR B 277 13.87 13.35 -1.22
CA THR B 277 12.90 12.40 -0.69
C THR B 277 13.03 11.04 -1.37
N SER B 278 13.00 9.98 -0.57
CA SER B 278 13.13 8.63 -1.09
C SER B 278 12.63 7.57 -0.11
N VAL B 279 11.93 6.57 -0.63
CA VAL B 279 11.42 5.48 0.19
C VAL B 279 12.58 4.65 0.72
N VAL B 280 13.66 4.60 -0.04
CA VAL B 280 14.83 3.81 0.34
C VAL B 280 15.63 4.44 1.48
N THR B 281 15.72 5.76 1.49
CA THR B 281 16.47 6.45 2.55
C THR B 281 15.58 6.71 3.75
N GLY B 282 14.28 6.52 3.57
CA GLY B 282 13.34 6.73 4.66
C GLY B 282 12.90 8.19 4.78
N ARG B 283 13.44 9.03 3.91
CA ARG B 283 13.08 10.45 3.92
C ARG B 283 11.79 10.67 3.15
N VAL B 284 10.68 10.47 3.85
CA VAL B 284 9.35 10.63 3.27
C VAL B 284 8.47 11.44 4.21
N SER B 285 7.83 12.47 3.67
CA SER B 285 6.95 13.32 4.46
C SER B 285 5.62 12.62 4.71
N SER B 286 5.49 11.99 5.86
CA SER B 286 4.26 11.29 6.23
C SER B 286 3.63 12.01 7.40
N SER B 287 2.32 11.87 7.55
CA SER B 287 1.61 12.53 8.63
C SER B 287 1.75 14.05 8.57
N ASN B 288 1.80 14.59 7.37
CA ASN B 288 1.89 16.04 7.21
C ASN B 288 0.42 16.47 7.15
N ARG B 289 0.18 17.76 6.95
CA ARG B 289 -1.19 18.25 6.87
C ARG B 289 -1.22 19.65 6.27
N PHE B 290 -2.33 20.01 5.65
CA PHE B 290 -2.49 21.32 5.04
C PHE B 290 -2.66 22.38 6.12
N VAL B 291 -2.00 23.52 5.94
CA VAL B 291 -2.14 24.62 6.90
C VAL B 291 -2.50 25.89 6.12
N GLY B 292 -2.36 25.81 4.79
CA GLY B 292 -2.72 26.95 3.97
C GLY B 292 -4.21 27.13 4.05
N ASP B 293 -4.66 28.37 4.27
CA ASP B 293 -6.08 28.67 4.39
C ASP B 293 -6.94 28.03 3.30
N ASN B 294 -6.54 28.23 2.05
CA ASN B 294 -7.30 27.71 0.92
C ASN B 294 -6.49 26.97 -0.15
N CYS B 295 -5.20 26.83 0.06
CA CYS B 295 -4.38 26.14 -0.93
C CYS B 295 -2.98 25.76 -0.43
N CYS B 296 -2.41 24.74 -1.07
CA CYS B 296 -1.09 24.24 -0.75
C CYS B 296 -0.29 24.09 -2.05
N PHE B 297 0.96 24.50 -2.02
CA PHE B 297 1.83 24.42 -3.19
C PHE B 297 2.92 23.39 -2.99
N ILE B 298 3.06 22.49 -3.96
CA ILE B 298 4.08 21.45 -3.91
C ILE B 298 4.86 21.44 -5.22
N ASP B 299 6.17 21.64 -5.11
CA ASP B 299 7.04 21.67 -6.28
C ASP B 299 8.11 20.58 -6.18
N THR B 300 7.95 19.54 -6.99
CA THR B 300 8.89 18.43 -7.00
C THR B 300 9.62 18.34 -8.34
N LYS B 301 10.81 17.76 -8.32
CA LYS B 301 11.63 17.61 -9.52
C LYS B 301 11.00 16.60 -10.47
N ASP B 302 10.40 15.56 -9.91
CA ASP B 302 9.74 14.52 -10.69
C ASP B 302 8.35 14.29 -10.10
N ASP B 303 7.46 13.68 -10.87
CA ASP B 303 6.10 13.42 -10.39
C ASP B 303 6.17 12.59 -9.11
N ILE B 304 5.24 12.83 -8.20
CA ILE B 304 5.17 12.07 -6.96
C ILE B 304 3.72 11.72 -6.66
N ILE B 305 3.52 10.79 -5.75
CA ILE B 305 2.17 10.38 -5.37
C ILE B 305 1.80 11.10 -4.09
N LEU B 306 0.56 11.59 -4.04
CA LEU B 306 0.08 12.29 -2.86
C LEU B 306 -1.15 11.57 -2.33
N ASN B 307 -1.22 11.40 -1.02
CA ASN B 307 -2.37 10.78 -0.42
C ASN B 307 -2.97 11.83 0.50
N VAL B 308 -4.27 12.01 0.40
CA VAL B 308 -4.96 12.99 1.23
C VAL B 308 -5.99 12.25 2.04
N GLU B 309 -5.80 12.24 3.36
CA GLU B 309 -6.73 11.56 4.24
C GLU B 309 -8.10 12.22 4.15
N ILE B 310 -9.12 11.39 4.01
CA ILE B 310 -10.48 11.91 3.92
C ILE B 310 -11.37 11.28 4.97
N PHE B 311 -12.41 12.01 5.34
CA PHE B 311 -13.38 11.54 6.32
C PHE B 311 -14.61 11.23 5.46
N VAL B 312 -14.59 10.03 4.89
CA VAL B 312 -15.62 9.54 3.99
C VAL B 312 -17.07 9.87 4.31
N ASP B 313 -17.47 9.73 5.57
CA ASP B 313 -18.86 10.00 5.96
C ASP B 313 -19.24 11.48 5.91
N LYS B 314 -18.28 12.34 5.62
CA LYS B 314 -18.52 13.78 5.56
C LYS B 314 -18.57 14.32 4.13
N LEU B 315 -17.99 13.58 3.20
CA LEU B 315 -17.92 13.96 1.80
C LEU B 315 -19.24 14.33 1.10
N ILE B 316 -20.22 13.45 1.19
CA ILE B 316 -21.51 13.66 0.54
C ILE B 316 -22.06 15.09 0.54
N ASP B 317 -21.92 15.79 1.67
CA ASP B 317 -22.44 17.15 1.77
C ASP B 317 -21.73 18.20 0.92
N PHE B 318 -20.55 17.86 0.40
CA PHE B 318 -19.79 18.82 -0.41
C PHE B 318 -19.70 18.40 -1.88
N LEU B 319 -20.30 17.26 -2.21
CA LEU B 319 -20.27 16.74 -3.58
C LEU B 319 -21.55 17.08 -4.33
CM2 VIB C . 9.02 16.98 6.30
N4A VIB C . 7.92 16.30 11.08
CM4 VIB C . 3.48 14.32 12.60
O1 VIB C . 4.16 9.65 12.37
C7 VIB C . 3.37 10.46 13.25
C6 VIB C . 4.24 11.60 13.83
C2 VIB C . 6.42 13.08 10.95
S1 VIB C . 6.47 11.58 11.95
C5 VIB C . 5.00 12.30 12.71
C4 VIB C . 4.67 13.50 12.15
N3 VIB C . 5.47 13.86 11.21
C7A VIB C . 5.33 15.14 10.45
C4A VIB C . 7.55 16.18 9.73
N3A VIB C . 8.43 16.62 8.72
C2A VIB C . 8.07 16.51 7.37
N1A VIB C . 6.83 15.96 7.02
C6A VIB C . 5.94 15.51 8.03
C5A VIB C . 6.29 15.62 9.38
CM2 VIB D . 7.15 -11.11 -15.19
N4A VIB D . 2.79 -12.65 -17.01
CM4 VIB D . -1.18 -13.64 -13.84
O1 VIB D . -3.25 -9.31 -13.05
C7 VIB D . -3.57 -10.71 -13.01
C6 VIB D . -3.17 -11.37 -14.35
C2 VIB D . 0.62 -10.72 -14.92
S1 VIB D . -0.86 -9.75 -15.08
C5 VIB D . -1.67 -11.26 -14.53
C4 VIB D . -0.77 -12.26 -14.31
N3 VIB D . 0.45 -11.90 -14.54
C7A VIB D . 1.61 -12.82 -14.37
C4A VIB D . 3.58 -12.31 -15.89
N3A VIB D . 4.92 -11.90 -16.08
C2A VIB D . 5.73 -11.56 -14.98
N1A VIB D . 5.19 -11.64 -13.69
C6A VIB D . 3.85 -12.05 -13.48
C5A VIB D . 3.05 -12.39 -14.59
#